data_5O54
#
_entry.id   5O54
#
_cell.length_a   127.862
_cell.length_b   127.862
_cell.length_c   115.731
_cell.angle_alpha   90.00
_cell.angle_beta   90.00
_cell.angle_gamma   90.00
#
_symmetry.space_group_name_H-M   'P 43 21 2'
#
loop_
_entity.id
_entity.type
_entity.pdbx_description
1 polymer 'Glycogen phosphorylase, muscle form'
2 non-polymer "PYRIDOXAL-5'-PHOSPHATE"
3 non-polymer (2~{R},3~{S},4~{R},5~{R},6~{R})-5-azanyl-2-(hydroxymethyl)-6-(5-phenyl-4~{H}-1,2,4-triazol-3-yl)oxane-3,4-diol
4 non-polymer 'INOSINIC ACID'
5 water water
#
_entity_poly.entity_id   1
_entity_poly.type   'polypeptide(L)'
_entity_poly.pdbx_seq_one_letter_code
;MSRPLSDQEKRKQISVRGLAGVENVTELKKNFNRHLHFTLVKDRNVATPRDYYFALAHTVRDHLVGRWIRTQQHYYEKDP
KRIYYLSLEFYMGRTLQNTMVNLALENACDEATYQLGLDMEELEEIEEDAGLGNGGLGRLAACFLDSMATLGLAAYGYGI
RYEFGIFNQKICGGWQMEEADDWLRYGNPWEKARPEFTLPVHFYGRVEHTSQGAKWVDTQVVLAMPYDTPVPGYRNNVVN
TMRLWSAKAPNDFNLKDFNVGGYIQAVLDRNLAENISRVLYPNDNFFEGKELRLKQEYFVVAATLQDIIRRFKSSKFGCR
DPVRTNFDAFPDKVAIQLNDTHPSLAIPELMRVLVDLERLDWDKAWEVTVKTCAYTNHTVLPEALERWPVHLLETLLPRH
LQIIYEINQRFLNRVAAAFPGDVDRLRRMSLVEEGAVKRINMAHLCIAGSHAVNGVARIHSEILKKTIFKDFYELEPHKF
QNKTNGITPRRWLVLCNPGLAEIIAERIGEEYISDLDQLRKLLSYVDDEAFIRDVAKVKQENKLKFAAYLEREYKVHINP
NSLFDVQVKRIHEYKRQLLNCLHVITLYNRIKKEPNKFVVPRTVMIGGKAAPGYHMAKMIIKLITAIGDVVNHDPVVGDR
LRVIFLENYRVSLAEKVIPAADLSEQISTAGTEASGTGNMKFMLNGALTIGTMDGANVEMAEEAGEENFFIFGMRVEDVD
RLDQRGYNAQEYYDRIPELRQIIEQLSSGFFSPKQPDLFKDIVNMLMHHDRFKVFADYEEYVKCQERVSALYKNPREWTR
MVIRNIATSGKFSSDRTIAQYAREIWGVEPSRQRLPAPDEKIP
;
_entity_poly.pdbx_strand_id   A
#
loop_
_chem_comp.id
_chem_comp.type
_chem_comp.name
_chem_comp.formula
9LB non-polymer (2~{R},3~{S},4~{R},5~{R},6~{R})-5-azanyl-2-(hydroxymethyl)-6-(5-phenyl-4~{H}-1,2,4-triazol-3-yl)oxane-3,4-diol 'C14 H18 N4 O4'
IMP non-polymer 'INOSINIC ACID' 'C10 H13 N4 O8 P'
PLP non-polymer PYRIDOXAL-5'-PHOSPHATE 'C8 H10 N O6 P'
#
# COMPACT_ATOMS: atom_id res chain seq x y z
N GLN A 13 24.55 -0.38 -20.24
CA GLN A 13 23.82 -1.09 -21.33
C GLN A 13 22.72 -0.20 -21.96
N ILE A 14 21.76 0.27 -21.13
CA ILE A 14 20.61 1.08 -21.59
C ILE A 14 20.64 2.54 -21.06
N SER A 15 20.12 3.46 -21.89
CA SER A 15 20.15 4.92 -21.66
C SER A 15 19.65 5.43 -20.29
N VAL A 16 18.39 5.13 -19.95
CA VAL A 16 17.76 5.58 -18.70
C VAL A 16 18.48 5.16 -17.39
N ARG A 17 19.35 4.16 -17.46
CA ARG A 17 20.19 3.76 -16.32
C ARG A 17 21.42 4.66 -16.02
N GLY A 18 21.62 5.73 -16.81
CA GLY A 18 22.64 6.76 -16.54
C GLY A 18 24.01 6.47 -17.13
N LEU A 19 24.96 7.37 -16.89
CA LEU A 19 26.33 7.22 -17.41
C LEU A 19 27.19 6.30 -16.55
N ALA A 20 28.12 5.60 -17.21
CA ALA A 20 29.15 4.82 -16.53
C ALA A 20 30.50 5.39 -16.92
N GLY A 21 30.84 6.54 -16.33
CA GLY A 21 32.15 7.18 -16.51
C GLY A 21 33.31 6.34 -15.96
N VAL A 22 34.47 6.46 -16.58
CA VAL A 22 35.63 5.67 -16.13
C VAL A 22 35.99 5.94 -14.67
N GLU A 23 35.99 7.22 -14.28
CA GLU A 23 36.37 7.62 -12.91
C GLU A 23 35.34 7.21 -11.88
N ASN A 24 34.08 7.39 -12.25
CA ASN A 24 32.98 7.01 -11.39
C ASN A 24 32.96 5.50 -11.13
N VAL A 25 33.21 4.70 -12.15
CA VAL A 25 33.32 3.24 -12.02
C VAL A 25 34.52 2.86 -11.15
N THR A 26 35.65 3.50 -11.42
CA THR A 26 36.88 3.30 -10.65
C THR A 26 36.66 3.58 -9.15
N GLU A 27 35.94 4.66 -8.84
CA GLU A 27 35.70 5.05 -7.45
C GLU A 27 34.72 4.12 -6.73
N LEU A 28 33.68 3.67 -7.43
CA LEU A 28 32.75 2.69 -6.87
C LEU A 28 33.44 1.36 -6.56
N LYS A 29 34.28 0.87 -7.49
CA LYS A 29 35.06 -0.36 -7.26
C LYS A 29 35.98 -0.24 -6.03
N LYS A 30 36.61 0.91 -5.90
CA LYS A 30 37.50 1.18 -4.79
C LYS A 30 36.76 1.14 -3.46
N ASN A 31 35.63 1.81 -3.41
CA ASN A 31 34.81 1.87 -2.20
C ASN A 31 34.13 0.55 -1.89
N PHE A 32 33.77 -0.23 -2.93
CA PHE A 32 33.26 -1.59 -2.74
C PHE A 32 34.25 -2.43 -1.95
N ASN A 33 35.51 -2.43 -2.40
CA ASN A 33 36.57 -3.16 -1.69
C ASN A 33 36.88 -2.59 -0.32
N ARG A 34 36.76 -1.28 -0.14
CA ARG A 34 36.99 -0.67 1.17
C ARG A 34 35.94 -1.16 2.16
N HIS A 35 34.66 -1.12 1.77
CA HIS A 35 33.59 -1.65 2.63
C HIS A 35 33.70 -3.17 2.89
N LEU A 36 34.11 -3.95 1.89
CA LEU A 36 34.24 -5.38 2.06
C LEU A 36 35.28 -5.68 3.16
N HIS A 37 36.41 -4.99 3.09
CA HIS A 37 37.51 -5.12 4.05
C HIS A 37 37.14 -4.51 5.42
N PHE A 38 36.90 -3.21 5.47
CA PHE A 38 36.78 -2.50 6.74
C PHE A 38 35.40 -2.62 7.37
N THR A 39 34.35 -2.52 6.59
CA THR A 39 32.99 -2.54 7.14
C THR A 39 32.52 -3.95 7.45
N LEU A 40 32.72 -4.85 6.51
CA LEU A 40 32.30 -6.23 6.65
C LEU A 40 33.34 -7.14 7.25
N VAL A 41 34.61 -6.74 7.26
CA VAL A 41 35.69 -7.54 7.83
C VAL A 41 35.71 -8.91 7.18
N LYS A 42 35.81 -8.89 5.86
CA LYS A 42 35.90 -10.07 5.03
C LYS A 42 37.06 -9.92 4.06
N ASP A 43 37.74 -11.02 3.75
CA ASP A 43 38.61 -11.05 2.55
C ASP A 43 37.79 -11.58 1.38
N ARG A 44 38.32 -11.40 0.18
CA ARG A 44 37.67 -11.85 -1.06
C ARG A 44 37.47 -13.38 -1.11
N ASN A 45 38.36 -14.15 -0.47
CA ASN A 45 38.31 -15.63 -0.50
C ASN A 45 37.22 -16.27 0.35
N VAL A 46 36.60 -15.52 1.26
CA VAL A 46 35.48 -16.04 2.06
C VAL A 46 34.15 -15.30 1.89
N ALA A 47 34.13 -14.26 1.07
CA ALA A 47 32.91 -13.47 0.89
C ALA A 47 31.85 -14.26 0.13
N THR A 48 30.62 -14.20 0.64
CA THR A 48 29.47 -14.79 -0.03
C THR A 48 28.75 -13.71 -0.82
N PRO A 49 27.82 -14.12 -1.70
CA PRO A 49 27.02 -13.08 -2.36
C PRO A 49 26.37 -12.10 -1.39
N ARG A 50 25.99 -12.56 -0.19
CA ARG A 50 25.42 -11.65 0.81
C ARG A 50 26.40 -10.56 1.21
N ASP A 51 27.66 -10.94 1.40
CA ASP A 51 28.70 -9.95 1.67
C ASP A 51 28.84 -8.95 0.53
N TYR A 52 28.78 -9.42 -0.70
CA TYR A 52 28.90 -8.51 -1.85
C TYR A 52 27.73 -7.56 -1.98
N TYR A 53 26.52 -8.04 -1.71
CA TYR A 53 25.36 -7.19 -1.63
C TYR A 53 25.58 -6.07 -0.60
N PHE A 54 26.03 -6.45 0.59
CA PHE A 54 26.25 -5.48 1.65
C PHE A 54 27.35 -4.49 1.31
N ALA A 55 28.40 -4.96 0.64
CA ALA A 55 29.47 -4.07 0.26
C ALA A 55 28.94 -3.02 -0.74
N LEU A 56 28.13 -3.48 -1.69
CA LEU A 56 27.50 -2.59 -2.65
C LEU A 56 26.52 -1.64 -1.97
N ALA A 57 25.68 -2.16 -1.08
CA ALA A 57 24.70 -1.34 -0.38
C ALA A 57 25.40 -0.20 0.42
N HIS A 58 26.49 -0.53 1.11
CA HIS A 58 27.28 0.50 1.79
C HIS A 58 27.92 1.54 0.84
N THR A 59 28.36 1.14 -0.35
CA THR A 59 28.96 2.06 -1.31
CA THR A 59 28.98 2.12 -1.28
C THR A 59 27.92 3.03 -1.92
N VAL A 60 26.72 2.52 -2.14
CA VAL A 60 25.64 3.33 -2.69
C VAL A 60 25.15 4.30 -1.61
N ARG A 61 24.99 3.80 -0.39
CA ARG A 61 24.59 4.61 0.75
C ARG A 61 25.53 5.79 0.96
N ASP A 62 26.83 5.58 0.77
CA ASP A 62 27.76 6.69 0.84
C ASP A 62 27.38 7.85 -0.07
N HIS A 63 26.88 7.57 -1.27
CA HIS A 63 26.42 8.63 -2.18
C HIS A 63 25.16 9.38 -1.72
N LEU A 64 24.38 8.79 -0.82
CA LEU A 64 23.24 9.47 -0.21
C LEU A 64 23.61 10.51 0.86
N VAL A 65 24.59 10.21 1.70
CA VAL A 65 24.69 10.92 2.99
C VAL A 65 25.08 12.38 2.86
N GLY A 66 25.91 12.71 1.87
CA GLY A 66 26.22 14.10 1.57
C GLY A 66 24.96 14.88 1.25
N ARG A 67 24.16 14.34 0.33
CA ARG A 67 22.88 14.94 -0.06
C ARG A 67 21.87 14.99 1.11
N TRP A 68 21.85 13.94 1.92
CA TRP A 68 20.99 13.86 3.07
C TRP A 68 21.29 14.97 4.07
N ILE A 69 22.57 15.10 4.45
CA ILE A 69 23.01 16.14 5.38
C ILE A 69 22.70 17.52 4.81
N ARG A 70 23.01 17.69 3.52
CA ARG A 70 22.83 18.95 2.81
C ARG A 70 21.35 19.34 2.70
N THR A 71 20.46 18.36 2.46
CA THR A 71 19.03 18.62 2.36
C THR A 71 18.42 19.06 3.70
N GLN A 72 18.75 18.35 4.77
CA GLN A 72 18.23 18.65 6.10
C GLN A 72 18.76 20.00 6.57
N GLN A 73 20.04 20.25 6.32
CA GLN A 73 20.66 21.58 6.42
C GLN A 73 19.83 22.67 5.71
N HIS A 74 19.56 22.46 4.43
CA HIS A 74 18.81 23.42 3.61
C HIS A 74 17.47 23.74 4.24
N TYR A 75 16.74 22.73 4.70
CA TYR A 75 15.44 22.95 5.34
C TYR A 75 15.54 23.73 6.66
N TYR A 76 16.64 23.56 7.39
CA TYR A 76 16.89 24.37 8.59
C TYR A 76 17.08 25.85 8.25
N GLU A 77 17.84 26.14 7.19
CA GLU A 77 18.10 27.51 6.76
C GLU A 77 16.88 28.17 6.15
N LYS A 78 16.32 27.58 5.09
CA LYS A 78 15.14 28.14 4.41
C LYS A 78 13.87 28.11 5.28
N ASP A 79 13.80 27.19 6.23
CA ASP A 79 12.63 27.01 7.10
C ASP A 79 11.27 26.98 6.37
N PRO A 80 11.14 26.07 5.37
CA PRO A 80 9.85 25.98 4.68
C PRO A 80 8.80 25.37 5.58
N LYS A 81 7.55 25.42 5.15
CA LYS A 81 6.50 24.65 5.80
C LYS A 81 6.83 23.16 5.68
N ARG A 82 6.65 22.43 6.78
CA ARG A 82 7.06 21.03 6.85
C ARG A 82 5.84 20.10 6.87
N ILE A 83 5.87 19.07 6.02
CA ILE A 83 4.79 18.09 5.87
C ILE A 83 5.16 16.84 6.67
N TYR A 84 4.26 16.42 7.55
CA TYR A 84 4.47 15.22 8.33
C TYR A 84 3.41 14.23 7.90
N TYR A 85 3.86 13.11 7.32
CA TYR A 85 2.99 12.07 6.86
C TYR A 85 3.01 10.98 7.93
N LEU A 86 1.97 10.90 8.74
CA LEU A 86 1.88 9.88 9.80
C LEU A 86 1.16 8.65 9.27
N SER A 87 1.82 7.50 9.34
CA SER A 87 1.21 6.23 8.93
C SER A 87 1.70 5.12 9.85
N LEU A 88 0.85 4.12 10.10
CA LEU A 88 1.29 2.93 10.82
C LEU A 88 1.99 1.98 9.88
N GLU A 89 1.93 2.25 8.58
CA GLU A 89 2.50 1.40 7.57
C GLU A 89 3.27 2.19 6.51
N PHE A 90 4.45 1.64 6.16
CA PHE A 90 5.26 2.10 5.05
C PHE A 90 5.79 0.85 4.39
N TYR A 91 5.21 0.46 3.26
CA TYR A 91 5.60 -0.77 2.58
C TYR A 91 6.68 -0.38 1.55
N MET A 92 7.92 -0.35 2.01
CA MET A 92 9.03 0.23 1.25
C MET A 92 9.63 -0.67 0.19
N GLY A 93 9.63 -1.97 0.44
CA GLY A 93 10.29 -2.93 -0.43
C GLY A 93 11.80 -2.79 -0.35
N ARG A 94 12.50 -3.14 -1.42
CA ARG A 94 13.96 -3.03 -1.44
C ARG A 94 14.37 -1.61 -1.74
N THR A 95 15.48 -1.19 -1.16
CA THR A 95 16.02 0.16 -1.28
C THR A 95 17.18 0.29 -2.29
N LEU A 96 17.90 -0.77 -2.58
CA LEU A 96 19.19 -0.65 -3.30
C LEU A 96 19.06 -0.11 -4.73
N GLN A 97 18.23 -0.78 -5.53
CA GLN A 97 18.03 -0.41 -6.93
C GLN A 97 17.33 0.93 -7.04
N ASN A 98 16.34 1.16 -6.17
CA ASN A 98 15.65 2.45 -6.16
C ASN A 98 16.59 3.60 -5.85
N THR A 99 17.52 3.38 -4.94
CA THR A 99 18.53 4.39 -4.63
C THR A 99 19.44 4.64 -5.84
N MET A 100 19.89 3.57 -6.51
CA MET A 100 20.69 3.70 -7.75
C MET A 100 19.97 4.46 -8.85
N VAL A 101 18.71 4.10 -9.10
CA VAL A 101 17.87 4.78 -10.08
C VAL A 101 17.82 6.29 -9.80
N ASN A 102 17.48 6.65 -8.57
CA ASN A 102 17.27 8.04 -8.20
C ASN A 102 18.54 8.87 -8.14
N LEU A 103 19.69 8.20 -8.01
CA LEU A 103 20.99 8.87 -8.03
C LEU A 103 21.74 8.71 -9.35
N ALA A 104 21.10 8.15 -10.37
CA ALA A 104 21.71 7.90 -11.68
C ALA A 104 22.99 7.04 -11.65
N LEU A 105 23.04 6.10 -10.69
CA LEU A 105 24.21 5.26 -10.46
C LEU A 105 24.07 3.85 -11.02
N GLU A 106 22.93 3.52 -11.60
CA GLU A 106 22.63 2.13 -11.93
C GLU A 106 23.60 1.51 -12.96
N ASN A 107 23.95 2.26 -14.01
CA ASN A 107 24.88 1.75 -15.02
C ASN A 107 26.31 1.72 -14.49
N ALA A 108 26.71 2.74 -13.73
CA ALA A 108 28.03 2.80 -13.15
C ALA A 108 28.26 1.63 -12.19
N CYS A 109 27.28 1.38 -11.31
CA CYS A 109 27.33 0.26 -10.38
C CYS A 109 27.31 -1.07 -11.06
N ASP A 110 26.55 -1.18 -12.14
CA ASP A 110 26.51 -2.41 -12.94
C ASP A 110 27.87 -2.69 -13.57
N GLU A 111 28.47 -1.64 -14.16
CA GLU A 111 29.83 -1.70 -14.71
C GLU A 111 30.88 -2.02 -13.63
N ALA A 112 30.79 -1.35 -12.48
CA ALA A 112 31.74 -1.53 -11.38
C ALA A 112 31.70 -2.95 -10.84
N THR A 113 30.49 -3.46 -10.62
CA THR A 113 30.30 -4.83 -10.13
C THR A 113 30.74 -5.86 -11.18
N TYR A 114 30.37 -5.63 -12.44
CA TYR A 114 30.83 -6.45 -13.59
C TYR A 114 32.36 -6.61 -13.63
N GLN A 115 33.10 -5.50 -13.53
CA GLN A 115 34.57 -5.56 -13.55
C GLN A 115 35.19 -6.29 -12.35
N LEU A 116 34.47 -6.33 -11.23
CA LEU A 116 34.85 -7.18 -10.09
C LEU A 116 34.38 -8.63 -10.23
N GLY A 117 33.73 -8.98 -11.33
CA GLY A 117 33.30 -10.34 -11.62
C GLY A 117 32.03 -10.72 -10.90
N LEU A 118 31.16 -9.74 -10.65
CA LEU A 118 29.93 -9.95 -9.90
C LEU A 118 28.77 -9.50 -10.76
N ASP A 119 27.62 -10.15 -10.61
CA ASP A 119 26.38 -9.75 -11.29
C ASP A 119 25.47 -9.00 -10.29
N MET A 120 25.38 -7.69 -10.49
CA MET A 120 24.57 -6.81 -9.67
C MET A 120 23.14 -7.31 -9.48
N GLU A 121 22.59 -7.88 -10.55
CA GLU A 121 21.21 -8.36 -10.52
C GLU A 121 21.01 -9.48 -9.51
N GLU A 122 21.97 -10.39 -9.39
CA GLU A 122 21.86 -11.44 -8.36
C GLU A 122 22.14 -10.91 -6.95
N LEU A 123 22.95 -9.86 -6.82
CA LEU A 123 23.15 -9.20 -5.51
C LEU A 123 21.88 -8.46 -5.02
N GLU A 124 21.18 -7.82 -5.96
CA GLU A 124 19.90 -7.17 -5.69
C GLU A 124 18.86 -8.11 -5.06
N GLU A 125 18.83 -9.34 -5.54
CA GLU A 125 17.91 -10.37 -5.05
C GLU A 125 18.11 -10.82 -3.61
N ILE A 126 19.27 -10.50 -3.04
CA ILE A 126 19.60 -10.88 -1.67
C ILE A 126 18.98 -9.93 -0.66
N GLU A 127 18.74 -8.68 -1.07
CA GLU A 127 18.11 -7.70 -0.19
C GLU A 127 16.72 -8.17 0.23
N GLU A 128 16.46 -8.07 1.53
CA GLU A 128 15.14 -8.33 2.09
C GLU A 128 14.22 -7.14 1.79
N ASP A 129 12.96 -7.41 1.43
CA ASP A 129 11.92 -6.37 1.46
C ASP A 129 11.77 -5.78 2.86
N ALA A 130 11.71 -4.47 2.96
CA ALA A 130 11.15 -3.85 4.14
C ALA A 130 9.61 -3.94 4.00
N GLY A 131 9.03 -4.93 4.65
CA GLY A 131 7.60 -5.22 4.55
C GLY A 131 6.81 -4.67 5.71
N LEU A 132 6.98 -3.37 5.97
CA LEU A 132 6.30 -2.74 7.10
C LEU A 132 4.93 -2.24 6.66
N GLY A 133 4.23 -3.05 5.89
CA GLY A 133 2.87 -2.73 5.45
C GLY A 133 2.16 -3.99 5.01
N ASN A 134 0.83 -3.87 4.86
CA ASN A 134 -0.05 -4.98 4.51
C ASN A 134 -0.29 -5.08 3.03
N GLY A 135 -0.55 -3.93 2.41
CA GLY A 135 -0.75 -3.85 0.97
C GLY A 135 -0.85 -2.43 0.47
N GLY A 136 -2.04 -2.05 -0.01
CA GLY A 136 -2.22 -0.79 -0.74
C GLY A 136 -1.90 0.47 0.03
N LEU A 137 -2.41 0.52 1.25
CA LEU A 137 -2.25 1.69 2.11
C LEU A 137 -0.78 1.92 2.46
N GLY A 138 -0.11 0.85 2.88
CA GLY A 138 1.31 0.95 3.18
C GLY A 138 2.15 1.33 1.96
N ARG A 139 1.80 0.76 0.81
CA ARG A 139 2.54 1.05 -0.44
C ARG A 139 2.26 2.48 -0.87
N LEU A 140 1.05 2.98 -0.68
CA LEU A 140 0.75 4.37 -1.06
C LEU A 140 1.66 5.34 -0.31
N ALA A 141 1.93 5.02 0.94
CA ALA A 141 2.78 5.83 1.78
C ALA A 141 4.22 5.85 1.23
N ALA A 142 4.73 4.69 0.85
CA ALA A 142 6.05 4.59 0.22
C ALA A 142 6.15 5.36 -1.10
N CYS A 143 5.18 5.17 -1.97
CA CYS A 143 5.07 5.93 -3.23
C CYS A 143 5.00 7.43 -3.00
N PHE A 144 4.19 7.84 -2.01
CA PHE A 144 4.09 9.24 -1.60
C PHE A 144 5.43 9.84 -1.12
N LEU A 145 6.18 9.11 -0.30
CA LEU A 145 7.50 9.58 0.16
C LEU A 145 8.45 9.87 -1.02
N ASP A 146 8.50 8.93 -1.97
CA ASP A 146 9.26 9.08 -3.20
C ASP A 146 8.82 10.33 -3.99
N SER A 147 7.51 10.49 -4.17
CA SER A 147 7.01 11.67 -4.89
C SER A 147 7.29 12.99 -4.14
N MET A 148 7.16 12.98 -2.80
CA MET A 148 7.42 14.18 -2.01
C MET A 148 8.87 14.65 -2.17
N ALA A 149 9.80 13.70 -2.17
CA ALA A 149 11.22 13.98 -2.33
C ALA A 149 11.52 14.46 -3.74
N THR A 150 10.92 13.79 -4.72
CA THR A 150 11.03 14.17 -6.12
C THR A 150 10.47 15.59 -6.37
N LEU A 151 9.44 15.99 -5.64
CA LEU A 151 8.86 17.31 -5.78
C LEU A 151 9.41 18.34 -4.78
N GLY A 152 10.53 18.04 -4.14
CA GLY A 152 11.22 19.04 -3.32
C GLY A 152 10.49 19.52 -2.08
N LEU A 153 9.54 18.73 -1.58
CA LEU A 153 8.77 19.12 -0.42
C LEU A 153 9.52 18.72 0.82
N ALA A 154 9.44 19.57 1.85
CA ALA A 154 10.15 19.34 3.10
C ALA A 154 9.32 18.40 3.95
N ALA A 155 9.34 17.13 3.57
CA ALA A 155 8.38 16.14 4.05
C ALA A 155 9.07 15.06 4.85
N TYR A 156 8.37 14.56 5.87
CA TYR A 156 8.88 13.54 6.78
C TYR A 156 7.86 12.43 6.90
N GLY A 157 8.28 11.20 6.67
CA GLY A 157 7.45 10.05 6.99
C GLY A 157 7.72 9.63 8.41
N TYR A 158 6.66 9.48 9.21
CA TYR A 158 6.78 9.07 10.59
C TYR A 158 5.96 7.81 10.80
N GLY A 159 6.60 6.79 11.34
CA GLY A 159 5.94 5.50 11.58
C GLY A 159 6.64 4.70 12.65
N ILE A 160 6.40 3.40 12.65
CA ILE A 160 6.94 2.47 13.62
C ILE A 160 7.90 1.54 12.89
N ARG A 161 9.08 1.36 13.49
CA ARG A 161 10.03 0.38 13.03
C ARG A 161 9.65 -0.96 13.66
N TYR A 162 8.81 -1.71 12.96
CA TYR A 162 8.42 -3.03 13.45
C TYR A 162 9.61 -3.98 13.27
N GLU A 163 9.95 -4.75 14.31
CA GLU A 163 10.94 -5.82 14.15
C GLU A 163 10.54 -6.89 13.17
N PHE A 164 9.23 -7.16 13.11
CA PHE A 164 8.67 -8.15 12.20
C PHE A 164 7.61 -7.47 11.36
N GLY A 165 7.81 -7.50 10.04
CA GLY A 165 6.87 -6.92 9.08
C GLY A 165 5.81 -7.94 8.75
N ILE A 166 5.14 -7.71 7.61
CA ILE A 166 4.13 -8.63 7.13
C ILE A 166 4.78 -10.02 6.99
N PHE A 167 4.14 -10.99 7.61
CA PHE A 167 4.60 -12.36 7.59
C PHE A 167 4.97 -12.90 6.20
N ASN A 168 5.95 -13.80 6.16
CA ASN A 168 6.24 -14.56 4.97
C ASN A 168 5.22 -15.68 4.87
N GLN A 169 4.64 -15.83 3.68
CA GLN A 169 3.64 -16.84 3.38
C GLN A 169 4.30 -18.08 2.75
N LYS A 170 4.12 -19.23 3.38
CA LYS A 170 4.44 -20.53 2.80
C LYS A 170 3.12 -21.21 2.46
N ILE A 171 3.06 -21.92 1.34
CA ILE A 171 1.97 -22.83 1.04
C ILE A 171 2.42 -24.25 1.45
N CYS A 172 1.63 -24.89 2.31
CA CYS A 172 1.87 -26.27 2.75
CA CYS A 172 1.88 -26.28 2.72
C CYS A 172 0.59 -27.06 2.53
N GLY A 173 0.63 -28.06 1.65
CA GLY A 173 -0.55 -28.84 1.27
C GLY A 173 -1.68 -27.96 0.73
N GLY A 174 -1.31 -26.90 0.01
CA GLY A 174 -2.27 -25.90 -0.47
C GLY A 174 -2.84 -24.93 0.57
N TRP A 175 -2.37 -24.98 1.81
CA TRP A 175 -2.80 -24.04 2.86
C TRP A 175 -1.72 -23.00 3.16
N GLN A 176 -2.14 -21.78 3.44
CA GLN A 176 -1.22 -20.74 3.93
C GLN A 176 -0.72 -21.09 5.32
N MET A 177 0.60 -21.12 5.47
CA MET A 177 1.26 -21.10 6.76
C MET A 177 1.97 -19.75 6.85
N GLU A 178 2.02 -19.20 8.06
CA GLU A 178 2.71 -17.93 8.30
C GLU A 178 4.00 -18.19 9.01
N GLU A 179 5.05 -17.46 8.63
CA GLU A 179 6.24 -17.38 9.45
C GLU A 179 6.76 -15.98 9.54
N ALA A 180 7.43 -15.73 10.65
CA ALA A 180 7.86 -14.40 11.03
C ALA A 180 8.85 -13.88 10.02
N ASP A 181 8.62 -12.63 9.62
CA ASP A 181 9.46 -11.91 8.68
C ASP A 181 10.54 -11.23 9.50
N ASP A 182 11.64 -11.95 9.71
CA ASP A 182 12.77 -11.47 10.51
C ASP A 182 13.71 -10.66 9.61
N TRP A 183 13.20 -9.54 9.10
CA TRP A 183 13.88 -8.72 8.07
C TRP A 183 15.18 -8.02 8.50
N LEU A 184 15.35 -7.84 9.81
CA LEU A 184 16.56 -7.23 10.38
C LEU A 184 17.68 -8.22 10.77
N ARG A 185 17.41 -9.52 10.63
CA ARG A 185 18.38 -10.61 10.92
C ARG A 185 19.83 -10.24 10.57
N TYR A 186 20.04 -9.87 9.31
CA TYR A 186 21.36 -9.55 8.75
C TYR A 186 21.75 -8.07 8.83
N GLY A 187 20.93 -7.25 9.47
CA GLY A 187 21.18 -5.81 9.57
C GLY A 187 20.51 -5.04 8.43
N ASN A 188 20.21 -3.77 8.68
CA ASN A 188 19.62 -2.88 7.70
C ASN A 188 20.67 -1.75 7.46
N PRO A 189 21.38 -1.81 6.33
CA PRO A 189 22.35 -0.76 6.07
C PRO A 189 21.72 0.59 5.76
N TRP A 190 20.44 0.65 5.43
CA TRP A 190 19.82 1.89 5.00
C TRP A 190 19.47 2.80 6.15
N GLU A 191 19.19 2.23 7.32
CA GLU A 191 18.78 3.01 8.48
C GLU A 191 19.96 3.57 9.28
N LYS A 192 19.72 4.68 9.98
CA LYS A 192 20.65 5.22 10.97
C LYS A 192 19.90 5.40 12.29
N ALA A 193 20.34 4.67 13.31
CA ALA A 193 19.76 4.79 14.64
C ALA A 193 20.13 6.14 15.18
N ARG A 194 19.20 6.80 15.88
CA ARG A 194 19.47 8.09 16.49
C ARG A 194 19.10 8.05 17.96
N PRO A 195 19.82 7.24 18.78
CA PRO A 195 19.46 7.11 20.22
C PRO A 195 19.44 8.43 20.99
N GLU A 196 20.26 9.36 20.55
CA GLU A 196 20.27 10.73 21.08
C GLU A 196 18.96 11.52 20.98
N PHE A 197 18.05 11.13 20.09
CA PHE A 197 16.74 11.80 20.00
C PHE A 197 15.60 10.95 20.57
N THR A 198 15.95 10.08 21.52
CA THR A 198 14.99 9.26 22.21
C THR A 198 14.04 10.12 23.06
N LEU A 199 12.75 9.79 23.00
CA LEU A 199 11.68 10.57 23.63
C LEU A 199 10.82 9.68 24.50
N PRO A 200 10.29 10.23 25.61
CA PRO A 200 9.37 9.46 26.44
C PRO A 200 7.93 9.50 25.89
N VAL A 201 7.25 8.38 26.00
CA VAL A 201 5.84 8.25 25.71
C VAL A 201 5.15 7.70 26.96
N HIS A 202 3.98 8.26 27.28
CA HIS A 202 3.27 7.91 28.51
C HIS A 202 2.03 7.06 28.26
N PHE A 203 1.76 6.12 29.16
CA PHE A 203 0.57 5.27 29.16
C PHE A 203 0.00 5.10 30.56
N TYR A 204 -1.29 4.77 30.59
CA TYR A 204 -2.05 4.53 31.81
C TYR A 204 -2.13 5.82 32.63
N GLY A 205 -1.83 5.77 33.93
CA GLY A 205 -1.93 6.94 34.79
C GLY A 205 -3.36 7.31 35.10
N ARG A 206 -3.53 8.55 35.55
CA ARG A 206 -4.83 9.12 35.82
C ARG A 206 -4.70 10.62 35.70
N VAL A 207 -5.83 11.32 35.76
CA VAL A 207 -5.85 12.77 35.61
C VAL A 207 -6.16 13.43 36.94
N GLU A 208 -5.28 14.33 37.37
CA GLU A 208 -5.55 15.27 38.45
C GLU A 208 -5.91 16.60 37.83
N HIS A 209 -6.95 17.25 38.36
CA HIS A 209 -7.25 18.65 38.04
C HIS A 209 -6.73 19.53 39.15
N THR A 210 -5.79 20.41 38.85
CA THR A 210 -5.34 21.44 39.81
C THR A 210 -6.03 22.78 39.48
N SER A 211 -5.64 23.83 40.19
CA SER A 211 -5.97 25.22 39.80
C SER A 211 -5.25 25.62 38.51
N GLN A 212 -4.05 25.07 38.31
CA GLN A 212 -3.30 25.18 37.04
C GLN A 212 -3.79 24.24 35.89
N GLY A 213 -5.01 23.68 35.99
CA GLY A 213 -5.56 22.81 34.95
C GLY A 213 -5.28 21.32 35.15
N ALA A 214 -5.63 20.53 34.15
CA ALA A 214 -5.50 19.07 34.20
C ALA A 214 -4.04 18.62 34.07
N LYS A 215 -3.73 17.51 34.71
CA LYS A 215 -2.37 17.03 34.86
C LYS A 215 -2.38 15.49 34.80
N TRP A 216 -1.68 14.92 33.81
CA TRP A 216 -1.65 13.47 33.61
C TRP A 216 -0.50 12.90 34.43
N VAL A 217 -0.81 12.03 35.40
CA VAL A 217 0.16 11.58 36.42
C VAL A 217 0.18 10.07 36.58
N ASP A 218 1.19 9.56 37.29
CA ASP A 218 1.42 8.12 37.58
C ASP A 218 1.44 7.28 36.33
N THR A 219 2.08 7.77 35.28
CA THR A 219 2.08 7.10 33.98
C THR A 219 3.21 6.06 33.89
N GLN A 220 3.02 5.07 33.03
CA GLN A 220 4.11 4.18 32.62
C GLN A 220 4.83 4.83 31.44
N VAL A 221 6.15 4.89 31.52
CA VAL A 221 6.98 5.50 30.50
C VAL A 221 7.55 4.41 29.60
N VAL A 222 7.37 4.60 28.30
CA VAL A 222 8.05 3.83 27.28
C VAL A 222 8.86 4.81 26.43
N LEU A 223 10.10 4.44 26.10
CA LEU A 223 10.94 5.32 25.32
C LEU A 223 10.76 5.00 23.84
N ALA A 224 10.77 6.05 23.03
CA ALA A 224 10.70 5.93 21.58
C ALA A 224 12.07 6.34 21.03
N MET A 225 12.77 5.38 20.44
CA MET A 225 14.05 5.64 19.83
C MET A 225 13.86 5.71 18.32
N PRO A 226 14.29 6.82 17.68
CA PRO A 226 14.09 6.95 16.24
C PRO A 226 15.21 6.31 15.43
N TYR A 227 14.82 5.72 14.30
CA TYR A 227 15.73 5.28 13.24
C TYR A 227 15.38 6.03 11.97
N ASP A 228 16.37 6.68 11.35
CA ASP A 228 16.14 7.43 10.11
C ASP A 228 16.60 6.68 8.88
N THR A 229 15.76 6.70 7.86
CA THR A 229 16.06 6.09 6.57
C THR A 229 15.98 7.20 5.53
N PRO A 230 16.97 7.28 4.63
CA PRO A 230 16.93 8.30 3.59
C PRO A 230 15.91 7.98 2.52
N VAL A 231 15.25 9.02 2.03
CA VAL A 231 14.32 8.95 0.94
C VAL A 231 14.79 9.88 -0.17
N PRO A 232 15.54 9.34 -1.15
CA PRO A 232 16.07 10.18 -2.21
C PRO A 232 14.98 10.54 -3.23
N GLY A 233 14.97 11.80 -3.64
CA GLY A 233 14.15 12.22 -4.79
C GLY A 233 14.79 11.82 -6.12
N TYR A 234 14.02 11.89 -7.21
CA TYR A 234 14.52 11.50 -8.54
C TYR A 234 15.42 12.56 -9.19
N ARG A 235 16.73 12.30 -9.13
CA ARG A 235 17.78 13.10 -9.77
C ARG A 235 17.78 14.58 -9.38
N ASN A 236 17.22 14.94 -8.22
CA ASN A 236 17.20 16.35 -7.82
C ASN A 236 18.11 16.64 -6.63
N ASN A 237 18.87 15.63 -6.18
CA ASN A 237 19.73 15.73 -5.00
C ASN A 237 19.01 16.03 -3.67
N VAL A 238 17.71 15.78 -3.63
CA VAL A 238 16.93 15.95 -2.41
C VAL A 238 16.86 14.59 -1.76
N VAL A 239 17.16 14.53 -0.46
CA VAL A 239 17.03 13.32 0.32
C VAL A 239 16.28 13.71 1.58
N ASN A 240 15.05 13.18 1.70
CA ASN A 240 14.17 13.40 2.84
C ASN A 240 14.36 12.25 3.81
N THR A 241 13.62 12.29 4.90
CA THR A 241 13.78 11.31 5.97
C THR A 241 12.49 10.62 6.26
N MET A 242 12.59 9.30 6.43
CA MET A 242 11.55 8.50 7.05
C MET A 242 12.09 8.20 8.45
N ARG A 243 11.38 8.67 9.47
CA ARG A 243 11.76 8.42 10.86
C ARG A 243 10.78 7.38 11.46
N LEU A 244 11.33 6.25 11.87
CA LEU A 244 10.56 5.15 12.42
C LEU A 244 10.96 4.94 13.87
N TRP A 245 9.98 4.83 14.75
CA TRP A 245 10.24 4.77 16.17
C TRP A 245 10.27 3.32 16.61
N SER A 246 11.13 3.05 17.59
CA SER A 246 11.30 1.75 18.18
C SER A 246 11.07 1.85 19.69
N ALA A 247 10.37 0.88 20.27
CA ALA A 247 10.04 0.92 21.69
C ALA A 247 11.18 0.39 22.51
N LYS A 248 11.55 1.13 23.55
CA LYS A 248 12.67 0.77 24.45
C LYS A 248 12.20 1.00 25.88
N ALA A 249 12.56 0.13 26.80
CA ALA A 249 12.18 0.32 28.18
C ALA A 249 13.15 1.27 28.86
N PRO A 250 12.67 2.14 29.78
CA PRO A 250 13.65 2.91 30.60
C PRO A 250 14.47 2.00 31.56
N ASN A 251 15.65 2.44 32.00
CA ASN A 251 16.57 1.54 32.76
C ASN A 251 16.20 1.28 34.20
N ASP A 252 15.41 2.18 34.77
CA ASP A 252 14.76 1.95 36.07
C ASP A 252 13.44 1.15 35.97
N PHE A 253 13.03 0.77 34.75
CA PHE A 253 11.81 -0.03 34.47
C PHE A 253 11.81 -1.34 35.23
N ASN A 254 10.74 -1.51 36.03
CA ASN A 254 10.59 -2.59 37.00
C ASN A 254 11.62 -2.56 38.16
N LEU A 255 12.34 -1.44 38.33
CA LEU A 255 13.53 -1.38 39.20
C LEU A 255 13.60 -0.09 40.02
N GLY A 262 12.37 -11.03 41.46
CA GLY A 262 13.32 -9.98 41.79
C GLY A 262 14.01 -9.44 40.54
N TYR A 263 15.33 -9.24 40.65
CA TYR A 263 16.15 -8.54 39.64
C TYR A 263 16.06 -9.11 38.22
N ILE A 264 16.33 -10.41 38.07
CA ILE A 264 16.36 -11.09 36.76
C ILE A 264 15.04 -10.89 36.05
N GLN A 265 13.96 -11.16 36.78
CA GLN A 265 12.62 -11.08 36.23
C GLN A 265 12.27 -9.68 35.80
N ALA A 266 12.67 -8.68 36.60
CA ALA A 266 12.47 -7.27 36.22
C ALA A 266 13.14 -6.93 34.90
N VAL A 267 14.38 -7.43 34.71
CA VAL A 267 15.09 -7.23 33.44
C VAL A 267 14.34 -7.95 32.31
N LEU A 268 13.95 -9.19 32.54
CA LEU A 268 13.21 -9.95 31.51
C LEU A 268 11.88 -9.26 31.17
N ASP A 269 11.24 -8.62 32.15
CA ASP A 269 9.96 -7.93 31.88
C ASP A 269 10.06 -6.64 31.09
N ARG A 270 11.27 -6.18 30.78
CA ARG A 270 11.44 -5.07 29.83
C ARG A 270 10.79 -5.32 28.45
N ASN A 271 10.69 -6.60 28.08
CA ASN A 271 9.98 -7.03 26.87
C ASN A 271 8.53 -6.57 26.78
N LEU A 272 7.83 -6.50 27.90
CA LEU A 272 6.44 -6.00 27.89
C LEU A 272 6.29 -4.61 27.24
N ALA A 273 7.27 -3.73 27.48
CA ALA A 273 7.24 -2.38 26.90
C ALA A 273 7.69 -2.39 25.45
N GLU A 274 8.68 -3.20 25.15
CA GLU A 274 9.30 -3.24 23.82
C GLU A 274 8.45 -4.01 22.82
N ASN A 275 7.48 -4.79 23.30
CA ASN A 275 6.47 -5.43 22.44
C ASN A 275 5.70 -4.45 21.56
N ILE A 276 5.57 -3.18 21.99
CA ILE A 276 4.84 -2.17 21.23
C ILE A 276 5.31 -2.11 19.78
N SER A 277 6.62 -2.13 19.55
CA SER A 277 7.14 -2.06 18.18
C SER A 277 7.58 -3.41 17.61
N ARG A 278 7.12 -4.51 18.19
CA ARG A 278 7.62 -5.82 17.80
C ARG A 278 7.09 -6.28 16.45
N VAL A 279 5.81 -6.05 16.19
CA VAL A 279 5.16 -6.70 15.04
C VAL A 279 4.02 -5.88 14.40
N LEU A 280 4.02 -5.86 13.07
CA LEU A 280 2.95 -5.25 12.28
C LEU A 280 1.69 -6.10 12.42
N TYR A 281 0.57 -5.46 12.73
CA TYR A 281 -0.72 -6.15 12.64
C TYR A 281 -1.04 -6.45 11.18
N PRO A 282 -1.25 -7.73 10.86
CA PRO A 282 -1.34 -8.17 9.47
C PRO A 282 -2.75 -8.19 8.84
N ASN A 283 -3.64 -7.30 9.26
CA ASN A 283 -5.00 -7.23 8.73
C ASN A 283 -5.09 -6.13 7.71
N ASP A 284 -5.52 -6.49 6.51
CA ASP A 284 -5.75 -5.52 5.45
C ASP A 284 -7.24 -5.22 5.44
N ASN A 285 -7.60 -3.96 5.54
CA ASN A 285 -8.99 -3.52 5.40
C ASN A 285 -9.88 -4.24 6.42
N PHE A 286 -9.41 -4.27 7.68
CA PHE A 286 -10.13 -4.89 8.78
C PHE A 286 -9.63 -4.34 10.13
N PHE A 287 -10.56 -4.16 11.06
CA PHE A 287 -10.28 -3.59 12.37
C PHE A 287 -10.34 -4.66 13.45
N GLU A 288 -9.24 -4.79 14.19
CA GLU A 288 -9.12 -5.66 15.35
C GLU A 288 -8.85 -4.69 16.52
N GLY A 289 -9.77 -4.60 17.46
CA GLY A 289 -9.64 -3.67 18.58
C GLY A 289 -8.82 -4.24 19.73
N LYS A 290 -7.53 -4.41 19.52
CA LYS A 290 -6.67 -4.95 20.56
C LYS A 290 -5.87 -3.84 21.20
N GLU A 291 -5.61 -3.96 22.49
CA GLU A 291 -4.87 -2.96 23.26
C GLU A 291 -3.48 -2.70 22.68
N LEU A 292 -2.76 -3.76 22.33
CA LEU A 292 -1.44 -3.60 21.74
C LEU A 292 -1.46 -2.70 20.48
N ARG A 293 -2.50 -2.83 19.65
CA ARG A 293 -2.69 -1.99 18.48
C ARG A 293 -2.90 -0.53 18.89
N LEU A 294 -3.70 -0.29 19.91
CA LEU A 294 -3.94 1.07 20.36
C LEU A 294 -2.65 1.70 20.92
N LYS A 295 -1.87 0.91 21.65
CA LYS A 295 -0.54 1.33 22.13
C LYS A 295 0.39 1.71 20.98
N GLN A 296 0.33 0.96 19.89
CA GLN A 296 1.14 1.28 18.72
C GLN A 296 0.75 2.62 18.14
N GLU A 297 -0.56 2.86 18.06
CA GLU A 297 -1.09 4.08 17.52
C GLU A 297 -0.75 5.28 18.37
N TYR A 298 -0.82 5.15 19.69
CA TYR A 298 -0.46 6.29 20.55
C TYR A 298 1.05 6.52 20.53
N PHE A 299 1.81 5.43 20.60
CA PHE A 299 3.27 5.45 20.55
C PHE A 299 3.80 6.29 19.38
N VAL A 300 3.31 6.03 18.17
CA VAL A 300 3.83 6.73 16.99
C VAL A 300 3.40 8.22 16.99
N VAL A 301 2.16 8.46 17.40
CA VAL A 301 1.60 9.80 17.52
C VAL A 301 2.31 10.67 18.55
N ALA A 302 2.52 10.12 19.75
CA ALA A 302 3.13 10.88 20.86
C ALA A 302 4.58 11.29 20.59
N ALA A 303 5.37 10.32 20.14
CA ALA A 303 6.79 10.59 19.85
C ALA A 303 6.92 11.55 18.67
N THR A 304 6.13 11.34 17.63
CA THR A 304 6.13 12.18 16.44
C THR A 304 5.78 13.64 16.77
N LEU A 305 4.77 13.87 17.59
CA LEU A 305 4.31 15.25 17.88
C LEU A 305 5.29 16.04 18.72
N GLN A 306 5.96 15.37 19.65
CA GLN A 306 7.05 15.99 20.39
C GLN A 306 8.16 16.45 19.44
N ASP A 307 8.46 15.59 18.48
CA ASP A 307 9.48 15.87 17.46
C ASP A 307 9.06 17.04 16.59
N ILE A 308 7.80 17.05 16.18
CA ILE A 308 7.27 18.15 15.37
C ILE A 308 7.41 19.46 16.12
N ILE A 309 6.98 19.45 17.38
CA ILE A 309 6.95 20.66 18.19
C ILE A 309 8.35 21.17 18.48
N ARG A 310 9.27 20.26 18.77
CA ARG A 310 10.66 20.61 19.03
C ARG A 310 11.29 21.31 17.80
N ARG A 311 11.11 20.71 16.63
CA ARG A 311 11.61 21.23 15.37
C ARG A 311 10.99 22.59 15.08
N PHE A 312 9.69 22.73 15.33
CA PHE A 312 8.97 24.03 15.26
C PHE A 312 9.53 25.13 16.17
N LYS A 313 9.88 24.80 17.41
CA LYS A 313 10.36 25.79 18.37
C LYS A 313 11.77 26.30 18.06
N SER A 314 12.46 25.68 17.10
CA SER A 314 13.75 26.16 16.60
C SER A 314 13.66 27.05 15.34
N SER A 315 12.44 27.40 14.91
CA SER A 315 12.24 28.43 13.88
C SER A 315 12.76 29.78 14.40
N THR A 325 7.48 30.73 21.59
CA THR A 325 6.34 30.20 22.30
C THR A 325 4.98 30.67 21.71
N ASN A 326 4.95 31.07 20.44
CA ASN A 326 3.69 31.50 19.80
C ASN A 326 3.17 30.55 18.69
N PHE A 327 2.03 29.92 18.98
CA PHE A 327 1.49 28.85 18.16
C PHE A 327 0.51 29.31 17.09
N ASP A 328 0.29 30.62 16.95
CA ASP A 328 -0.52 31.14 15.84
C ASP A 328 0.05 30.70 14.49
N ALA A 329 1.37 30.78 14.37
CA ALA A 329 2.09 30.37 13.15
C ALA A 329 2.34 28.85 13.00
N PHE A 330 1.87 28.03 13.94
CA PHE A 330 2.08 26.59 13.87
C PHE A 330 1.56 25.99 12.57
N PRO A 331 0.30 26.32 12.18
CA PRO A 331 -0.20 25.75 10.91
C PRO A 331 0.43 26.34 9.64
N ASP A 332 1.13 27.46 9.74
CA ASP A 332 1.94 27.97 8.62
C ASP A 332 3.23 27.22 8.44
N LYS A 333 3.70 26.57 9.51
CA LYS A 333 4.96 25.83 9.52
C LYS A 333 4.80 24.31 9.53
N VAL A 334 3.59 23.83 9.81
CA VAL A 334 3.32 22.41 10.02
C VAL A 334 2.02 22.00 9.34
N ALA A 335 2.13 20.94 8.53
CA ALA A 335 0.98 20.16 8.08
C ALA A 335 1.20 18.74 8.58
N ILE A 336 0.14 18.15 9.18
CA ILE A 336 0.14 16.75 9.59
C ILE A 336 -0.93 16.05 8.79
N GLN A 337 -0.52 15.08 7.98
CA GLN A 337 -1.44 14.26 7.21
C GLN A 337 -1.65 12.91 7.90
N LEU A 338 -2.91 12.58 8.16
CA LEU A 338 -3.26 11.35 8.85
C LEU A 338 -3.64 10.32 7.80
N ASN A 339 -2.83 9.25 7.71
CA ASN A 339 -3.06 8.14 6.78
C ASN A 339 -4.10 7.21 7.42
N ASP A 340 -5.37 7.45 7.07
CA ASP A 340 -6.53 6.84 7.70
CA ASP A 340 -6.51 6.79 7.70
C ASP A 340 -6.62 7.25 9.16
N THR A 341 -7.48 6.58 9.94
CA THR A 341 -7.68 6.89 11.33
C THR A 341 -6.59 6.32 12.24
N HIS A 342 -5.65 5.55 11.68
CA HIS A 342 -4.68 4.84 12.53
C HIS A 342 -3.86 5.76 13.46
N PRO A 343 -3.47 6.97 13.00
CA PRO A 343 -2.87 7.98 13.87
C PRO A 343 -3.81 9.13 14.23
N SER A 344 -5.11 8.84 14.36
CA SER A 344 -6.13 9.85 14.73
C SER A 344 -5.91 10.50 16.10
N LEU A 345 -5.24 9.79 17.00
CA LEU A 345 -4.94 10.32 18.33
C LEU A 345 -4.02 11.53 18.28
N ALA A 346 -3.33 11.77 17.17
CA ALA A 346 -2.65 13.05 16.93
C ALA A 346 -3.51 14.26 17.24
N ILE A 347 -4.82 14.17 16.97
CA ILE A 347 -5.75 15.27 17.24
C ILE A 347 -5.91 15.60 18.72
N PRO A 348 -6.36 14.64 19.56
CA PRO A 348 -6.40 14.92 21.00
C PRO A 348 -5.00 15.07 21.64
N GLU A 349 -3.98 14.42 21.09
CA GLU A 349 -2.61 14.59 21.58
C GLU A 349 -2.12 16.01 21.35
N LEU A 350 -2.39 16.55 20.17
CA LEU A 350 -2.00 17.91 19.87
C LEU A 350 -2.73 18.88 20.81
N MET A 351 -4.01 18.64 21.04
CA MET A 351 -4.76 19.42 22.02
C MET A 351 -4.15 19.34 23.43
N ARG A 352 -3.80 18.13 23.86
CA ARG A 352 -3.22 17.90 25.20
C ARG A 352 -1.95 18.71 25.41
N VAL A 353 -1.05 18.62 24.45
CA VAL A 353 0.18 19.37 24.50
C VAL A 353 -0.13 20.87 24.57
N LEU A 354 -0.96 21.37 23.66
CA LEU A 354 -1.24 22.81 23.57
C LEU A 354 -2.00 23.36 24.77
N VAL A 355 -2.97 22.59 25.29
CA VAL A 355 -3.78 23.02 26.42
C VAL A 355 -3.08 22.70 27.76
N ASP A 356 -2.74 21.45 28.01
CA ASP A 356 -2.15 21.05 29.32
C ASP A 356 -0.70 21.51 29.54
N LEU A 357 0.15 21.39 28.52
CA LEU A 357 1.58 21.71 28.67
C LEU A 357 1.90 23.15 28.26
N GLU A 358 1.44 23.57 27.09
CA GLU A 358 1.68 24.94 26.61
C GLU A 358 0.71 25.99 27.13
N ARG A 359 -0.41 25.58 27.71
CA ARG A 359 -1.34 26.47 28.41
C ARG A 359 -2.06 27.48 27.50
N LEU A 360 -2.25 27.12 26.23
CA LEU A 360 -3.18 27.86 25.37
C LEU A 360 -4.59 27.58 25.86
N ASP A 361 -5.50 28.49 25.58
CA ASP A 361 -6.90 28.24 25.86
C ASP A 361 -7.40 27.25 24.80
N TRP A 362 -8.52 26.60 25.12
CA TRP A 362 -9.09 25.54 24.30
C TRP A 362 -9.34 25.96 22.86
N ASP A 363 -10.01 27.10 22.67
CA ASP A 363 -10.45 27.54 21.34
C ASP A 363 -9.29 27.87 20.40
N LYS A 364 -8.23 28.47 20.94
CA LYS A 364 -7.00 28.73 20.18
C LYS A 364 -6.32 27.42 19.79
N ALA A 365 -6.17 26.53 20.75
CA ALA A 365 -5.57 25.23 20.52
C ALA A 365 -6.33 24.46 19.43
N TRP A 366 -7.65 24.52 19.49
CA TRP A 366 -8.50 23.86 18.52
C TRP A 366 -8.37 24.43 17.10
N GLU A 367 -8.24 25.75 17.03
CA GLU A 367 -8.04 26.43 15.74
C GLU A 367 -6.75 25.91 15.11
N VAL A 368 -5.69 25.89 15.90
CA VAL A 368 -4.36 25.44 15.46
C VAL A 368 -4.42 23.97 15.00
N THR A 369 -5.04 23.13 15.82
CA THR A 369 -5.17 21.71 15.54
C THR A 369 -5.88 21.43 14.20
N VAL A 370 -7.03 22.06 14.00
CA VAL A 370 -7.83 21.86 12.80
C VAL A 370 -7.08 22.35 11.56
N LYS A 371 -6.50 23.54 11.64
CA LYS A 371 -5.69 24.10 10.56
C LYS A 371 -4.43 23.28 10.23
N THR A 372 -3.92 22.54 11.23
CA THR A 372 -2.74 21.71 11.07
C THR A 372 -3.06 20.32 10.48
N CYS A 373 -4.16 19.71 10.92
CA CYS A 373 -4.45 18.32 10.58
C CYS A 373 -5.34 18.17 9.36
N ALA A 374 -5.09 17.07 8.65
CA ALA A 374 -5.87 16.66 7.48
C ALA A 374 -5.97 15.12 7.49
N TYR A 375 -7.12 14.62 7.06
CA TYR A 375 -7.46 13.21 7.17
C TYR A 375 -7.76 12.63 5.80
N THR A 376 -7.05 11.56 5.44
CA THR A 376 -7.34 10.78 4.25
C THR A 376 -8.07 9.48 4.65
N ASN A 377 -9.31 9.32 4.19
CA ASN A 377 -10.06 8.08 4.36
C ASN A 377 -9.69 7.10 3.26
N HIS A 378 -9.55 5.83 3.62
CA HIS A 378 -9.17 4.77 2.64
C HIS A 378 -10.14 3.62 2.49
N THR A 379 -11.30 3.66 3.12
CA THR A 379 -12.23 2.54 3.00
C THR A 379 -13.59 2.93 3.53
N VAL A 380 -14.61 2.35 2.92
CA VAL A 380 -15.98 2.46 3.41
C VAL A 380 -16.50 1.15 3.97
N LEU A 381 -15.71 0.07 3.92
CA LEU A 381 -16.15 -1.18 4.52
C LEU A 381 -16.28 -0.98 6.03
N PRO A 382 -17.47 -1.26 6.62
CA PRO A 382 -17.71 -0.94 8.03
C PRO A 382 -16.82 -1.73 8.99
N GLU A 383 -16.47 -2.96 8.63
CA GLU A 383 -15.55 -3.78 9.42
C GLU A 383 -14.09 -3.28 9.48
N ALA A 384 -13.73 -2.35 8.61
CA ALA A 384 -12.41 -1.69 8.65
C ALA A 384 -12.38 -0.41 9.51
N LEU A 385 -13.54 0.17 9.81
CA LEU A 385 -13.59 1.43 10.55
C LEU A 385 -13.17 1.25 12.00
N GLU A 386 -12.26 2.10 12.46
CA GLU A 386 -11.78 2.02 13.83
C GLU A 386 -12.78 2.60 14.80
N ARG A 387 -13.33 1.75 15.66
CA ARG A 387 -14.21 2.16 16.73
C ARG A 387 -13.66 1.60 18.05
N TRP A 388 -12.92 2.41 18.79
CA TRP A 388 -12.27 1.92 19.99
C TRP A 388 -13.24 1.93 21.16
N PRO A 389 -13.36 0.81 21.88
CA PRO A 389 -14.09 0.81 23.14
C PRO A 389 -13.58 1.88 24.12
N VAL A 390 -14.50 2.59 24.74
CA VAL A 390 -14.21 3.61 25.74
C VAL A 390 -13.41 3.08 26.93
N HIS A 391 -13.71 1.86 27.40
CA HIS A 391 -12.96 1.24 28.52
C HIS A 391 -11.45 1.07 28.21
N LEU A 392 -11.11 0.75 26.96
CA LEU A 392 -9.70 0.76 26.56
C LEU A 392 -9.09 2.15 26.74
N LEU A 393 -9.71 3.14 26.13
CA LEU A 393 -9.19 4.51 26.17
C LEU A 393 -9.14 5.05 27.58
N GLU A 394 -10.16 4.74 28.35
CA GLU A 394 -10.25 5.17 29.73
C GLU A 394 -9.07 4.66 30.56
N THR A 395 -8.70 3.40 30.37
CA THR A 395 -7.58 2.79 31.09
C THR A 395 -6.25 3.30 30.58
N LEU A 396 -6.10 3.33 29.27
CA LEU A 396 -4.81 3.55 28.64
C LEU A 396 -4.46 5.03 28.51
N LEU A 397 -5.44 5.84 28.13
CA LEU A 397 -5.26 7.24 27.75
C LEU A 397 -6.37 8.07 28.36
N PRO A 398 -6.44 8.10 29.70
CA PRO A 398 -7.59 8.73 30.35
C PRO A 398 -7.76 10.21 30.02
N ARG A 399 -6.65 10.92 29.86
CA ARG A 399 -6.71 12.35 29.49
C ARG A 399 -7.23 12.59 28.06
N HIS A 400 -6.81 11.74 27.14
CA HIS A 400 -7.26 11.81 25.77
C HIS A 400 -8.75 11.56 25.65
N LEU A 401 -9.27 10.62 26.46
CA LEU A 401 -10.71 10.36 26.49
C LEU A 401 -11.48 11.60 26.96
N GLN A 402 -10.96 12.30 27.97
CA GLN A 402 -11.58 13.55 28.46
C GLN A 402 -11.62 14.61 27.38
N ILE A 403 -10.50 14.74 26.67
CA ILE A 403 -10.39 15.69 25.58
C ILE A 403 -11.33 15.28 24.43
N ILE A 404 -11.45 13.99 24.15
CA ILE A 404 -12.36 13.52 23.10
C ILE A 404 -13.82 13.86 23.44
N TYR A 405 -14.21 13.70 24.71
CA TYR A 405 -15.57 14.05 25.14
C TYR A 405 -15.86 15.53 25.01
N GLU A 406 -14.87 16.34 25.35
CA GLU A 406 -14.93 17.80 25.23
C GLU A 406 -15.04 18.22 23.77
N ILE A 407 -14.29 17.55 22.89
CA ILE A 407 -14.36 17.80 21.45
C ILE A 407 -15.78 17.48 20.95
N ASN A 408 -16.29 16.33 21.39
CA ASN A 408 -17.60 15.84 20.98
C ASN A 408 -18.70 16.81 21.38
N GLN A 409 -18.68 17.27 22.62
CA GLN A 409 -19.66 18.20 23.15
C GLN A 409 -19.73 19.50 22.33
N ARG A 410 -18.58 20.11 22.10
CA ARG A 410 -18.51 21.35 21.35
C ARG A 410 -18.88 21.16 19.88
N PHE A 411 -18.51 20.01 19.32
CA PHE A 411 -18.90 19.69 17.94
C PHE A 411 -20.42 19.51 17.79
N LEU A 412 -21.01 18.77 18.71
CA LEU A 412 -22.46 18.53 18.71
C LEU A 412 -23.24 19.80 19.01
N ASN A 413 -22.66 20.73 19.76
CA ASN A 413 -23.27 22.05 19.92
C ASN A 413 -23.32 22.81 18.61
N ARG A 414 -22.31 22.66 17.75
CA ARG A 414 -22.37 23.28 16.42
C ARG A 414 -23.41 22.64 15.53
N VAL A 415 -23.55 21.31 15.62
CA VAL A 415 -24.55 20.57 14.82
C VAL A 415 -25.97 21.00 15.24
N ALA A 416 -26.23 20.98 16.54
CA ALA A 416 -27.50 21.44 17.09
C ALA A 416 -27.88 22.83 16.62
N ALA A 417 -26.91 23.74 16.57
CA ALA A 417 -27.19 25.12 16.17
C ALA A 417 -27.46 25.24 14.68
N ALA A 418 -26.79 24.43 13.87
CA ALA A 418 -26.99 24.40 12.41
C ALA A 418 -28.25 23.65 12.01
N PHE A 419 -28.58 22.58 12.75
CA PHE A 419 -29.73 21.73 12.45
C PHE A 419 -30.61 21.57 13.69
N PRO A 420 -31.23 22.67 14.14
CA PRO A 420 -31.98 22.59 15.42
C PRO A 420 -33.14 21.61 15.37
N GLY A 421 -33.20 20.74 16.38
CA GLY A 421 -34.26 19.75 16.50
C GLY A 421 -33.95 18.42 15.87
N ASP A 422 -32.89 18.33 15.06
CA ASP A 422 -32.55 17.09 14.38
C ASP A 422 -31.73 16.22 15.34
N VAL A 423 -32.46 15.57 16.26
CA VAL A 423 -31.81 14.79 17.31
C VAL A 423 -31.21 13.49 16.80
N ASP A 424 -31.76 12.93 15.73
CA ASP A 424 -31.13 11.79 15.06
C ASP A 424 -29.78 12.15 14.48
N ARG A 425 -29.66 13.35 13.92
CA ARG A 425 -28.40 13.78 13.35
C ARG A 425 -27.35 13.81 14.46
N LEU A 426 -27.72 14.37 15.61
CA LEU A 426 -26.82 14.43 16.76
C LEU A 426 -26.30 13.06 17.17
N ARG A 427 -27.19 12.08 17.19
CA ARG A 427 -26.82 10.71 17.52
C ARG A 427 -25.89 10.11 16.46
N ARG A 428 -26.24 10.27 15.19
CA ARG A 428 -25.43 9.81 14.06
C ARG A 428 -24.03 10.43 13.97
N MET A 429 -23.93 11.72 14.32
CA MET A 429 -22.68 12.43 14.12
C MET A 429 -21.77 12.36 15.34
N SER A 430 -22.31 11.91 16.47
CA SER A 430 -21.52 11.86 17.71
C SER A 430 -20.22 11.11 17.47
N LEU A 431 -19.16 11.60 18.09
CA LEU A 431 -17.92 10.84 18.16
C LEU A 431 -18.07 9.61 19.06
N VAL A 432 -18.99 9.67 20.03
CA VAL A 432 -19.23 8.57 20.96
C VAL A 432 -20.44 7.81 20.48
N GLU A 433 -20.31 6.52 20.17
CA GLU A 433 -21.50 5.74 19.82
C GLU A 433 -21.97 4.89 21.00
N GLU A 434 -23.28 4.92 21.25
CA GLU A 434 -23.93 4.17 22.33
C GLU A 434 -24.18 2.72 21.89
N GLY A 435 -24.51 1.88 22.86
CA GLY A 435 -24.62 0.42 22.65
C GLY A 435 -24.20 -0.28 23.92
N ALA A 436 -24.22 -1.61 23.90
CA ALA A 436 -23.77 -2.39 25.05
C ALA A 436 -22.35 -1.95 25.42
N VAL A 437 -21.49 -1.89 24.40
CA VAL A 437 -20.16 -1.30 24.48
C VAL A 437 -20.20 0.11 23.87
N LYS A 438 -19.93 1.13 24.68
CA LYS A 438 -19.68 2.49 24.15
C LYS A 438 -18.34 2.50 23.41
N ARG A 439 -18.30 3.13 22.23
CA ARG A 439 -17.09 3.22 21.40
C ARG A 439 -16.84 4.65 20.95
N ILE A 440 -15.59 4.97 20.63
CA ILE A 440 -15.26 6.21 19.93
C ILE A 440 -15.15 5.89 18.43
N ASN A 441 -15.86 6.63 17.59
CA ASN A 441 -15.75 6.54 16.12
C ASN A 441 -14.63 7.48 15.70
N MET A 442 -13.47 6.90 15.38
CA MET A 442 -12.25 7.67 15.16
C MET A 442 -12.28 8.46 13.84
N ALA A 443 -13.08 7.99 12.89
CA ALA A 443 -13.32 8.71 11.65
C ALA A 443 -14.07 10.01 11.93
N HIS A 444 -15.04 9.96 12.83
CA HIS A 444 -15.78 11.17 13.22
C HIS A 444 -14.87 12.17 13.91
N LEU A 445 -13.97 11.69 14.77
CA LEU A 445 -12.92 12.53 15.37
C LEU A 445 -12.04 13.21 14.32
N CYS A 446 -11.60 12.44 13.32
CA CYS A 446 -10.75 12.98 12.28
C CYS A 446 -11.43 14.07 11.48
N ILE A 447 -12.70 13.86 11.16
CA ILE A 447 -13.44 14.84 10.37
C ILE A 447 -13.58 16.13 11.17
N ALA A 448 -13.98 15.99 12.44
CA ALA A 448 -14.18 17.13 13.32
C ALA A 448 -12.91 17.93 13.54
N GLY A 449 -11.78 17.23 13.70
CA GLY A 449 -10.50 17.86 14.01
C GLY A 449 -9.54 18.15 12.86
N SER A 450 -10.02 18.02 11.61
CA SER A 450 -9.21 18.27 10.41
C SER A 450 -9.84 19.34 9.52
N HIS A 451 -9.01 20.14 8.85
CA HIS A 451 -9.52 21.11 7.87
C HIS A 451 -9.82 20.50 6.49
N ALA A 452 -9.33 19.29 6.22
CA ALA A 452 -9.55 18.63 4.94
C ALA A 452 -9.74 17.16 5.19
N VAL A 453 -10.68 16.59 4.46
CA VAL A 453 -10.98 15.18 4.49
C VAL A 453 -11.05 14.77 3.03
N ASN A 454 -10.29 13.77 2.65
CA ASN A 454 -10.27 13.35 1.26
C ASN A 454 -10.44 11.84 1.13
N GLY A 455 -11.17 11.42 0.10
CA GLY A 455 -11.10 10.05 -0.38
C GLY A 455 -9.98 9.93 -1.39
N VAL A 456 -9.85 8.72 -1.94
CA VAL A 456 -8.67 8.32 -2.67
C VAL A 456 -8.92 7.93 -4.15
N ALA A 457 -10.15 8.12 -4.60
CA ALA A 457 -10.52 8.05 -6.01
C ALA A 457 -11.87 8.73 -6.10
N ARG A 458 -12.21 9.24 -7.27
CA ARG A 458 -13.37 10.12 -7.42
C ARG A 458 -14.68 9.48 -6.96
N ILE A 459 -14.90 8.23 -7.35
CA ILE A 459 -16.12 7.51 -7.00
C ILE A 459 -16.19 7.28 -5.48
N HIS A 460 -15.04 7.00 -4.87
CA HIS A 460 -14.92 6.82 -3.42
C HIS A 460 -15.21 8.11 -2.69
N SER A 461 -14.58 9.22 -3.09
CA SER A 461 -14.85 10.52 -2.51
C SER A 461 -16.32 10.95 -2.65
N GLU A 462 -16.96 10.60 -3.76
CA GLU A 462 -18.39 10.83 -3.91
C GLU A 462 -19.21 9.98 -2.95
N ILE A 463 -18.83 8.73 -2.76
CA ILE A 463 -19.52 7.80 -1.87
C ILE A 463 -19.46 8.30 -0.40
N LEU A 464 -18.32 8.86 -0.02
CA LEU A 464 -18.16 9.51 1.28
C LEU A 464 -19.17 10.64 1.50
N LYS A 465 -19.36 11.47 0.48
CA LYS A 465 -20.32 12.59 0.54
C LYS A 465 -21.79 12.18 0.49
N LYS A 466 -22.09 11.04 -0.15
CA LYS A 466 -23.46 10.57 -0.33
C LYS A 466 -23.91 9.59 0.73
N THR A 467 -23.00 8.87 1.37
CA THR A 467 -23.35 7.82 2.34
C THR A 467 -22.70 8.05 3.71
N ILE A 468 -21.55 7.44 4.00
CA ILE A 468 -21.06 7.41 5.39
C ILE A 468 -20.78 8.75 6.07
N PHE A 469 -20.39 9.79 5.32
CA PHE A 469 -20.13 11.10 5.90
C PHE A 469 -21.08 12.18 5.36
N LYS A 470 -22.25 11.78 4.85
CA LYS A 470 -23.27 12.73 4.36
C LYS A 470 -23.61 13.86 5.35
N ASP A 471 -23.84 13.48 6.61
CA ASP A 471 -24.11 14.44 7.68
C ASP A 471 -22.99 15.48 7.86
N PHE A 472 -21.74 15.02 7.79
CA PHE A 472 -20.54 15.84 7.98
C PHE A 472 -20.30 16.75 6.79
N TYR A 473 -20.55 16.21 5.61
CA TYR A 473 -20.55 16.98 4.38
C TYR A 473 -21.59 18.12 4.39
N GLU A 474 -22.80 17.84 4.89
CA GLU A 474 -23.83 18.88 4.99
C GLU A 474 -23.44 20.01 5.92
N LEU A 475 -22.77 19.68 7.03
CA LEU A 475 -22.28 20.69 7.97
C LEU A 475 -21.10 21.47 7.42
N GLU A 476 -20.11 20.78 6.87
CA GLU A 476 -18.84 21.42 6.47
C GLU A 476 -18.42 20.97 5.06
N PRO A 477 -19.21 21.36 4.04
CA PRO A 477 -18.94 20.92 2.66
C PRO A 477 -17.53 21.22 2.17
N HIS A 478 -17.00 22.37 2.57
CA HIS A 478 -15.64 22.82 2.29
C HIS A 478 -14.51 21.83 2.67
N LYS A 479 -14.70 21.04 3.72
CA LYS A 479 -13.67 20.05 4.12
C LYS A 479 -13.40 18.94 3.11
N PHE A 480 -14.40 18.58 2.31
CA PHE A 480 -14.36 17.32 1.59
C PHE A 480 -13.74 17.47 0.21
N GLN A 481 -12.69 16.68 -0.07
CA GLN A 481 -11.97 16.74 -1.33
C GLN A 481 -11.78 15.34 -1.91
N ASN A 482 -11.31 15.28 -3.14
CA ASN A 482 -10.80 14.04 -3.71
C ASN A 482 -9.31 14.22 -3.99
N LYS A 483 -8.53 13.17 -3.76
CA LYS A 483 -7.14 13.10 -4.21
C LYS A 483 -6.96 11.67 -4.68
N THR A 484 -7.17 11.47 -5.97
CA THR A 484 -7.03 10.16 -6.57
C THR A 484 -5.61 9.66 -6.39
N ASN A 485 -5.49 8.39 -6.03
CA ASN A 485 -4.21 7.75 -5.77
C ASN A 485 -3.34 7.71 -7.03
N GLY A 486 -2.08 7.39 -6.79
CA GLY A 486 -1.11 7.24 -7.82
C GLY A 486 -0.06 6.25 -7.35
N ILE A 487 0.89 5.99 -8.24
CA ILE A 487 2.02 5.09 -8.01
C ILE A 487 3.24 5.83 -8.53
N THR A 488 4.42 5.57 -7.97
CA THR A 488 5.64 6.21 -8.46
C THR A 488 6.16 5.52 -9.73
N PRO A 489 6.35 6.29 -10.82
CA PRO A 489 6.88 5.66 -12.02
C PRO A 489 8.35 5.30 -11.93
N ARG A 490 9.05 5.74 -10.90
CA ARG A 490 10.42 5.29 -10.69
C ARG A 490 10.45 3.80 -10.36
N ARG A 491 9.85 3.40 -9.24
CA ARG A 491 9.81 1.99 -8.91
C ARG A 491 9.02 1.20 -9.93
N TRP A 492 7.84 1.70 -10.29
CA TRP A 492 6.87 0.93 -11.03
C TRP A 492 6.98 0.99 -12.54
N LEU A 493 8.05 1.58 -13.07
CA LEU A 493 8.34 1.53 -14.49
C LEU A 493 9.84 1.42 -14.72
N VAL A 494 10.59 2.47 -14.36
CA VAL A 494 12.05 2.51 -14.63
C VAL A 494 12.76 1.33 -13.94
N LEU A 495 12.43 1.14 -12.68
CA LEU A 495 13.09 0.12 -11.89
C LEU A 495 12.67 -1.30 -12.27
N CYS A 496 11.37 -1.57 -12.28
CA CYS A 496 10.86 -2.92 -12.53
C CYS A 496 10.74 -3.31 -14.01
N ASN A 497 10.78 -2.36 -14.92
CA ASN A 497 10.57 -2.64 -16.34
C ASN A 497 11.46 -1.74 -17.21
N PRO A 498 12.79 -1.92 -17.10
CA PRO A 498 13.75 -1.06 -17.80
C PRO A 498 13.62 -1.11 -19.31
N GLY A 499 13.34 -2.29 -19.86
CA GLY A 499 13.15 -2.45 -21.29
C GLY A 499 12.03 -1.60 -21.88
N LEU A 500 10.93 -1.45 -21.12
CA LEU A 500 9.82 -0.62 -21.55
C LEU A 500 10.17 0.83 -21.38
N ALA A 501 10.76 1.19 -20.25
CA ALA A 501 11.25 2.56 -20.05
C ALA A 501 12.17 3.04 -21.17
N GLU A 502 12.99 2.12 -21.69
CA GLU A 502 13.99 2.44 -22.69
C GLU A 502 13.37 2.70 -24.06
N ILE A 503 12.47 1.84 -24.50
CA ILE A 503 11.83 2.02 -25.82
C ILE A 503 10.95 3.28 -25.83
N ILE A 504 10.37 3.59 -24.67
CA ILE A 504 9.64 4.84 -24.54
C ILE A 504 10.62 6.00 -24.63
N ALA A 505 11.69 5.93 -23.86
CA ALA A 505 12.72 6.95 -23.90
C ALA A 505 13.36 7.12 -25.29
N GLU A 506 13.43 6.05 -26.09
CA GLU A 506 13.94 6.18 -27.46
C GLU A 506 13.14 7.19 -28.29
N ARG A 507 11.83 7.20 -28.11
CA ARG A 507 10.94 8.00 -28.94
C ARG A 507 10.72 9.38 -28.35
N ILE A 508 10.52 9.48 -27.04
CA ILE A 508 10.09 10.75 -26.42
C ILE A 508 11.03 11.35 -25.38
N GLY A 509 12.17 10.73 -25.11
CA GLY A 509 13.12 11.26 -24.12
C GLY A 509 12.81 10.76 -22.74
N GLU A 510 13.57 11.26 -21.76
CA GLU A 510 13.52 10.79 -20.38
C GLU A 510 12.69 11.63 -19.42
N GLU A 511 12.22 12.80 -19.86
CA GLU A 511 11.50 13.72 -18.99
C GLU A 511 10.21 13.17 -18.40
N TYR A 512 9.64 12.16 -19.05
CA TYR A 512 8.39 11.54 -18.61
C TYR A 512 8.51 10.87 -17.25
N ILE A 513 9.72 10.45 -16.87
CA ILE A 513 9.94 9.77 -15.62
C ILE A 513 9.53 10.62 -14.41
N SER A 514 9.67 11.94 -14.52
CA SER A 514 9.20 12.87 -13.46
C SER A 514 8.10 13.82 -13.97
N ASP A 515 7.49 13.45 -15.08
CA ASP A 515 6.39 14.18 -15.64
C ASP A 515 5.63 13.20 -16.53
N LEU A 516 4.91 12.30 -15.87
CA LEU A 516 4.35 11.13 -16.54
C LEU A 516 3.26 11.45 -17.57
N ASP A 517 2.61 12.61 -17.44
CA ASP A 517 1.68 13.11 -18.48
C ASP A 517 2.27 13.12 -19.88
N GLN A 518 3.57 13.29 -19.98
CA GLN A 518 4.28 13.16 -21.27
C GLN A 518 4.11 11.84 -22.03
N LEU A 519 3.67 10.78 -21.36
CA LEU A 519 3.33 9.52 -22.01
C LEU A 519 2.25 9.66 -23.07
N ARG A 520 1.41 10.70 -23.00
CA ARG A 520 0.42 10.98 -24.07
C ARG A 520 1.04 11.10 -25.44
N LYS A 521 2.28 11.56 -25.51
CA LYS A 521 3.00 11.66 -26.77
C LYS A 521 3.12 10.31 -27.47
N LEU A 522 3.03 9.20 -26.71
CA LEU A 522 2.97 7.85 -27.29
C LEU A 522 1.75 7.50 -28.14
N LEU A 523 0.67 8.28 -28.04
CA LEU A 523 -0.49 8.09 -28.91
C LEU A 523 -0.18 8.32 -30.39
N SER A 524 0.83 9.12 -30.70
CA SER A 524 1.17 9.31 -32.10
C SER A 524 2.08 8.18 -32.62
N TYR A 525 2.42 7.21 -31.78
CA TYR A 525 3.11 5.98 -32.23
C TYR A 525 2.22 4.76 -32.26
N VAL A 526 0.91 4.95 -32.13
CA VAL A 526 -0.05 3.84 -32.07
C VAL A 526 -0.15 3.08 -33.40
N ASP A 527 0.18 3.73 -34.51
CA ASP A 527 0.21 3.10 -35.82
C ASP A 527 1.64 2.91 -36.38
N ASP A 528 2.64 3.05 -35.53
CA ASP A 528 4.03 2.86 -35.92
C ASP A 528 4.40 1.38 -35.74
N GLU A 529 4.78 0.72 -36.82
CA GLU A 529 4.99 -0.72 -36.82
C GLU A 529 6.18 -1.11 -35.92
N ALA A 530 7.21 -0.25 -35.90
CA ALA A 530 8.41 -0.50 -35.10
C ALA A 530 8.07 -0.47 -33.64
N PHE A 531 7.35 0.55 -33.21
CA PHE A 531 6.96 0.69 -31.81
C PHE A 531 6.04 -0.44 -31.33
N ILE A 532 5.06 -0.80 -32.16
CA ILE A 532 4.18 -1.95 -31.89
C ILE A 532 5.03 -3.21 -31.64
N ARG A 533 6.03 -3.41 -32.47
CA ARG A 533 6.90 -4.57 -32.37
C ARG A 533 7.74 -4.54 -31.09
N ASP A 534 8.24 -3.36 -30.74
CA ASP A 534 9.04 -3.18 -29.53
C ASP A 534 8.25 -3.32 -28.25
N VAL A 535 7.04 -2.76 -28.23
CA VAL A 535 6.17 -2.91 -27.07
C VAL A 535 5.87 -4.40 -26.84
N ALA A 536 5.57 -5.13 -27.92
CA ALA A 536 5.28 -6.56 -27.82
C ALA A 536 6.51 -7.39 -27.47
N LYS A 537 7.65 -7.05 -28.05
CA LYS A 537 8.94 -7.72 -27.71
C LYS A 537 9.30 -7.60 -26.22
N VAL A 538 9.14 -6.41 -25.65
CA VAL A 538 9.44 -6.20 -24.25
C VAL A 538 8.51 -7.03 -23.36
N LYS A 539 7.22 -7.08 -23.71
CA LYS A 539 6.26 -7.89 -22.98
C LYS A 539 6.67 -9.35 -23.03
N GLN A 540 7.08 -9.82 -24.20
CA GLN A 540 7.48 -11.21 -24.36
C GLN A 540 8.76 -11.51 -23.59
N GLU A 541 9.68 -10.55 -23.57
CA GLU A 541 10.91 -10.69 -22.79
C GLU A 541 10.62 -10.78 -21.29
N ASN A 542 9.70 -9.94 -20.80
CA ASN A 542 9.30 -9.95 -19.39
C ASN A 542 8.66 -11.27 -19.01
N LYS A 543 7.87 -11.83 -19.92
CA LYS A 543 7.21 -13.12 -19.71
C LYS A 543 8.19 -14.27 -19.67
N LEU A 544 9.14 -14.30 -20.61
CA LEU A 544 10.24 -15.29 -20.60
C LEU A 544 11.01 -15.24 -19.29
N LYS A 545 11.31 -14.04 -18.83
CA LYS A 545 12.11 -13.84 -17.63
C LYS A 545 11.34 -14.31 -16.41
N PHE A 546 10.03 -14.04 -16.37
CA PHE A 546 9.21 -14.44 -15.23
C PHE A 546 8.92 -15.94 -15.25
N ALA A 547 8.73 -16.51 -16.43
CA ALA A 547 8.54 -17.96 -16.56
C ALA A 547 9.76 -18.72 -16.07
N ALA A 548 10.94 -18.18 -16.39
CA ALA A 548 12.20 -18.74 -15.94
C ALA A 548 12.33 -18.61 -14.43
N TYR A 549 11.97 -17.44 -13.90
CA TYR A 549 11.98 -17.21 -12.44
C TYR A 549 11.09 -18.22 -11.72
N LEU A 550 9.91 -18.50 -12.27
CA LEU A 550 9.00 -19.48 -11.66
C LEU A 550 9.65 -20.86 -11.61
N GLU A 551 10.31 -21.27 -12.70
CA GLU A 551 10.94 -22.59 -12.77
C GLU A 551 12.12 -22.73 -11.79
N ARG A 552 12.99 -21.73 -11.72
CA ARG A 552 14.16 -21.74 -10.84
C ARG A 552 13.79 -21.78 -9.34
N GLU A 553 12.98 -20.82 -8.89
CA GLU A 553 12.66 -20.65 -7.46
C GLU A 553 11.50 -21.50 -6.92
N TYR A 554 10.63 -22.01 -7.81
CA TYR A 554 9.48 -22.84 -7.39
C TYR A 554 9.09 -23.99 -8.35
N LYS A 555 10.04 -24.53 -9.10
CA LYS A 555 9.87 -25.81 -9.87
C LYS A 555 8.49 -26.06 -10.57
N VAL A 556 8.01 -25.05 -11.29
CA VAL A 556 6.75 -25.15 -12.06
C VAL A 556 6.95 -24.65 -13.50
N HIS A 557 6.48 -25.41 -14.50
CA HIS A 557 6.63 -25.03 -15.92
C HIS A 557 5.42 -24.29 -16.51
N ILE A 558 5.71 -23.16 -17.14
CA ILE A 558 4.72 -22.25 -17.69
C ILE A 558 4.99 -22.09 -19.18
N ASN A 559 3.94 -22.27 -19.97
CA ASN A 559 3.95 -21.91 -21.38
C ASN A 559 4.01 -20.38 -21.52
N PRO A 560 5.13 -19.82 -22.02
CA PRO A 560 5.20 -18.36 -22.09
C PRO A 560 4.47 -17.73 -23.31
N ASN A 561 3.96 -18.55 -24.23
CA ASN A 561 3.09 -18.04 -25.31
C ASN A 561 1.65 -17.82 -24.89
N SER A 562 1.27 -18.33 -23.72
CA SER A 562 -0.08 -18.16 -23.19
C SER A 562 -0.33 -16.73 -22.72
N LEU A 563 -1.60 -16.37 -22.64
CA LEU A 563 -2.03 -15.11 -22.02
C LEU A 563 -1.78 -15.21 -20.50
N PHE A 564 -1.10 -14.21 -19.93
CA PHE A 564 -0.81 -14.15 -18.47
C PHE A 564 -1.90 -13.34 -17.77
N ASP A 565 -2.83 -14.08 -17.18
CA ASP A 565 -4.02 -13.56 -16.53
C ASP A 565 -3.65 -13.53 -15.06
N VAL A 566 -3.48 -12.34 -14.51
CA VAL A 566 -2.96 -12.23 -13.14
C VAL A 566 -3.87 -11.38 -12.28
N GLN A 567 -4.15 -11.92 -11.08
CA GLN A 567 -4.84 -11.22 -9.98
C GLN A 567 -3.93 -11.29 -8.77
N VAL A 568 -3.24 -10.19 -8.47
CA VAL A 568 -2.40 -10.13 -7.28
C VAL A 568 -2.80 -8.93 -6.41
N LYS A 569 -3.03 -9.23 -5.14
CA LYS A 569 -3.60 -8.33 -4.13
C LYS A 569 -3.94 -9.17 -2.89
N ARG A 570 -4.16 -8.54 -1.75
CA ARG A 570 -4.50 -9.29 -0.56
C ARG A 570 -5.77 -10.12 -0.79
N ILE A 571 -5.86 -11.26 -0.11
CA ILE A 571 -7.01 -12.15 -0.28
C ILE A 571 -8.16 -11.59 0.54
N HIS A 572 -9.25 -11.27 -0.14
CA HIS A 572 -10.44 -10.66 0.48
C HIS A 572 -11.68 -11.15 -0.23
N GLU A 573 -12.78 -11.23 0.50
CA GLU A 573 -14.08 -11.49 -0.14
C GLU A 573 -14.46 -10.36 -1.12
N TYR A 574 -14.22 -9.09 -0.75
CA TYR A 574 -14.64 -7.97 -1.60
C TYR A 574 -13.85 -7.86 -2.89
N LYS A 575 -12.62 -8.36 -2.91
CA LYS A 575 -11.80 -8.35 -4.11
C LYS A 575 -12.15 -9.51 -5.08
N ARG A 576 -12.91 -10.49 -4.59
CA ARG A 576 -13.56 -11.51 -5.43
C ARG A 576 -12.61 -12.38 -6.27
N GLN A 577 -11.53 -12.81 -5.64
CA GLN A 577 -10.73 -13.89 -6.16
C GLN A 577 -11.64 -15.10 -6.48
N LEU A 578 -12.71 -15.28 -5.71
CA LEU A 578 -13.70 -16.32 -5.99
C LEU A 578 -14.37 -16.18 -7.35
N LEU A 579 -14.69 -14.95 -7.78
CA LEU A 579 -15.25 -14.74 -9.11
C LEU A 579 -14.28 -15.25 -10.19
N ASN A 580 -13.00 -14.90 -10.02
CA ASN A 580 -11.91 -15.39 -10.87
C ASN A 580 -11.89 -16.92 -10.86
N CYS A 581 -11.96 -17.51 -9.67
CA CYS A 581 -12.00 -18.97 -9.53
C CYS A 581 -13.12 -19.59 -10.32
N LEU A 582 -14.27 -18.93 -10.34
CA LEU A 582 -15.42 -19.43 -11.07
C LEU A 582 -15.20 -19.37 -12.58
N HIS A 583 -14.52 -18.33 -13.05
CA HIS A 583 -14.19 -18.25 -14.48
C HIS A 583 -13.23 -19.37 -14.87
N VAL A 584 -12.23 -19.57 -14.01
CA VAL A 584 -11.21 -20.58 -14.24
C VAL A 584 -11.82 -21.97 -14.37
N ILE A 585 -12.76 -22.29 -13.47
CA ILE A 585 -13.44 -23.59 -13.50
C ILE A 585 -14.37 -23.70 -14.73
N THR A 586 -14.97 -22.57 -15.13
CA THR A 586 -15.74 -22.48 -16.36
C THR A 586 -14.89 -22.83 -17.60
N LEU A 587 -13.71 -22.23 -17.73
CA LEU A 587 -12.80 -22.55 -18.84
C LEU A 587 -12.40 -24.02 -18.86
N TYR A 588 -12.24 -24.60 -17.67
CA TYR A 588 -11.87 -26.00 -17.52
C TYR A 588 -13.02 -26.89 -17.96
N ASN A 589 -14.22 -26.60 -17.45
CA ASN A 589 -15.41 -27.35 -17.85
C ASN A 589 -15.72 -27.26 -19.34
N ARG A 590 -15.47 -26.11 -19.96
CA ARG A 590 -15.62 -25.96 -21.40
C ARG A 590 -14.62 -26.79 -22.20
N ILE A 591 -13.37 -26.80 -21.74
CA ILE A 591 -12.34 -27.64 -22.36
C ILE A 591 -12.74 -29.12 -22.27
N LYS A 592 -13.13 -29.60 -21.09
CA LYS A 592 -13.57 -31.00 -20.94
C LYS A 592 -14.80 -31.36 -21.77
N LYS A 593 -15.68 -30.39 -21.99
CA LYS A 593 -16.89 -30.56 -22.79
C LYS A 593 -16.53 -30.73 -24.27
N GLU A 594 -15.69 -29.83 -24.79
CA GLU A 594 -15.24 -29.86 -26.18
C GLU A 594 -13.73 -29.84 -26.24
N PRO A 595 -13.09 -31.00 -25.98
CA PRO A 595 -11.64 -31.02 -25.84
C PRO A 595 -10.84 -30.61 -27.09
N ASN A 596 -11.41 -30.81 -28.28
CA ASN A 596 -10.67 -30.61 -29.52
C ASN A 596 -10.98 -29.28 -30.19
N LYS A 597 -11.63 -28.36 -29.48
CA LYS A 597 -11.84 -27.01 -29.99
C LYS A 597 -10.69 -26.12 -29.52
N PHE A 598 -10.32 -25.16 -30.37
CA PHE A 598 -9.27 -24.20 -30.02
C PHE A 598 -9.76 -23.26 -28.93
N VAL A 599 -8.85 -22.91 -28.05
CA VAL A 599 -9.07 -22.01 -26.93
C VAL A 599 -7.77 -21.24 -26.82
N VAL A 600 -7.84 -19.94 -26.55
CA VAL A 600 -6.63 -19.17 -26.32
C VAL A 600 -6.01 -19.64 -25.00
N PRO A 601 -4.77 -20.14 -25.04
CA PRO A 601 -4.14 -20.62 -23.81
C PRO A 601 -3.95 -19.52 -22.77
N ARG A 602 -4.10 -19.86 -21.50
CA ARG A 602 -3.91 -18.91 -20.40
C ARG A 602 -3.08 -19.52 -19.29
N THR A 603 -2.27 -18.68 -18.67
CA THR A 603 -1.72 -18.98 -17.36
C THR A 603 -2.46 -18.03 -16.43
N VAL A 604 -3.29 -18.62 -15.58
CA VAL A 604 -4.02 -17.86 -14.61
C VAL A 604 -3.19 -17.88 -13.33
N MET A 605 -2.66 -16.71 -12.96
CA MET A 605 -1.89 -16.55 -11.76
C MET A 605 -2.67 -15.72 -10.74
N ILE A 606 -2.84 -16.28 -9.55
CA ILE A 606 -3.45 -15.58 -8.44
C ILE A 606 -2.49 -15.63 -7.26
N GLY A 607 -2.27 -14.48 -6.63
CA GLY A 607 -1.39 -14.41 -5.47
C GLY A 607 -1.88 -13.41 -4.45
N GLY A 608 -1.43 -13.58 -3.21
CA GLY A 608 -1.81 -12.71 -2.13
C GLY A 608 -1.87 -13.41 -0.79
N LYS A 609 -1.70 -12.61 0.26
CA LYS A 609 -1.75 -13.09 1.63
C LYS A 609 -3.14 -12.91 2.21
N ALA A 610 -3.54 -13.90 3.00
CA ALA A 610 -4.73 -13.82 3.83
C ALA A 610 -4.31 -13.38 5.23
N ALA A 611 -5.10 -12.53 5.87
CA ALA A 611 -4.85 -12.22 7.30
C ALA A 611 -4.95 -13.52 8.10
N PRO A 612 -4.03 -13.76 9.05
CA PRO A 612 -3.97 -15.05 9.77
C PRO A 612 -5.27 -15.54 10.39
N GLY A 613 -6.10 -14.64 10.92
CA GLY A 613 -7.41 -15.02 11.47
C GLY A 613 -8.64 -14.91 10.57
N TYR A 614 -8.43 -14.74 9.26
CA TYR A 614 -9.51 -14.57 8.30
C TYR A 614 -9.76 -15.93 7.66
N HIS A 615 -10.62 -16.71 8.31
CA HIS A 615 -10.90 -18.09 7.89
C HIS A 615 -11.28 -18.21 6.41
N MET A 616 -12.18 -17.34 5.95
CA MET A 616 -12.69 -17.43 4.58
C MET A 616 -11.59 -17.15 3.57
N ALA A 617 -10.76 -16.14 3.83
CA ALA A 617 -9.61 -15.86 2.97
C ALA A 617 -8.64 -17.04 2.88
N LYS A 618 -8.50 -17.78 3.99
CA LYS A 618 -7.63 -18.97 4.00
C LYS A 618 -8.21 -20.11 3.20
N MET A 619 -9.53 -20.24 3.20
CA MET A 619 -10.24 -21.24 2.39
C MET A 619 -10.13 -20.96 0.89
N ILE A 620 -10.21 -19.68 0.52
CA ILE A 620 -10.07 -19.25 -0.87
C ILE A 620 -8.70 -19.64 -1.44
N ILE A 621 -7.64 -19.41 -0.67
CA ILE A 621 -6.29 -19.85 -1.04
C ILE A 621 -6.30 -21.35 -1.30
N LYS A 622 -6.90 -22.09 -0.37
CA LYS A 622 -6.97 -23.56 -0.50
C LYS A 622 -7.76 -23.98 -1.74
N LEU A 623 -8.84 -23.27 -2.06
CA LEU A 623 -9.62 -23.54 -3.28
C LEU A 623 -8.76 -23.30 -4.52
N ILE A 624 -8.07 -22.17 -4.54
CA ILE A 624 -7.21 -21.82 -5.68
C ILE A 624 -6.19 -22.92 -5.97
N THR A 625 -5.51 -23.40 -4.92
CA THR A 625 -4.50 -24.45 -5.10
C THR A 625 -5.18 -25.78 -5.45
N ALA A 626 -6.36 -26.05 -4.88
CA ALA A 626 -7.15 -27.25 -5.20
C ALA A 626 -7.57 -27.30 -6.67
N ILE A 627 -8.00 -26.17 -7.21
CA ILE A 627 -8.32 -26.04 -8.63
C ILE A 627 -7.08 -26.35 -9.46
N GLY A 628 -5.96 -25.75 -9.06
CA GLY A 628 -4.66 -25.99 -9.69
C GLY A 628 -4.29 -27.46 -9.73
N ASP A 629 -4.46 -28.16 -8.61
CA ASP A 629 -4.21 -29.61 -8.54
C ASP A 629 -5.03 -30.40 -9.58
N VAL A 630 -6.28 -30.01 -9.82
CA VAL A 630 -7.11 -30.71 -10.81
C VAL A 630 -6.70 -30.28 -12.21
N VAL A 631 -6.68 -28.97 -12.45
CA VAL A 631 -6.52 -28.44 -13.80
C VAL A 631 -5.13 -28.74 -14.38
N ASN A 632 -4.10 -28.44 -13.60
CA ASN A 632 -2.71 -28.56 -14.08
C ASN A 632 -2.27 -30.00 -14.31
N HIS A 633 -3.02 -30.98 -13.82
CA HIS A 633 -2.65 -32.38 -14.01
C HIS A 633 -3.61 -33.16 -14.92
N ASP A 634 -4.50 -32.46 -15.61
CA ASP A 634 -5.43 -33.11 -16.54
C ASP A 634 -4.76 -33.18 -17.92
N PRO A 635 -4.46 -34.40 -18.41
CA PRO A 635 -3.80 -34.54 -19.73
C PRO A 635 -4.57 -33.89 -20.90
N VAL A 636 -5.89 -33.95 -20.83
CA VAL A 636 -6.74 -33.39 -21.87
C VAL A 636 -6.59 -31.85 -21.96
N VAL A 637 -6.31 -31.19 -20.85
CA VAL A 637 -6.10 -29.72 -20.83
C VAL A 637 -4.81 -29.32 -21.54
N GLY A 638 -3.74 -30.07 -21.33
CA GLY A 638 -2.44 -29.78 -21.94
C GLY A 638 -1.87 -28.53 -21.32
N ASP A 639 -1.16 -27.72 -22.11
CA ASP A 639 -0.69 -26.41 -21.67
C ASP A 639 -1.67 -25.27 -22.04
N ARG A 640 -2.94 -25.60 -22.29
CA ARG A 640 -3.97 -24.61 -22.60
C ARG A 640 -4.48 -23.85 -21.37
N LEU A 641 -4.35 -24.43 -20.19
CA LEU A 641 -4.82 -23.76 -18.99
C LEU A 641 -3.98 -24.19 -17.81
N ARG A 642 -3.32 -23.22 -17.18
CA ARG A 642 -2.58 -23.45 -15.95
C ARG A 642 -3.07 -22.49 -14.89
N VAL A 643 -3.25 -23.01 -13.68
CA VAL A 643 -3.60 -22.19 -12.54
C VAL A 643 -2.45 -22.24 -11.55
N ILE A 644 -1.89 -21.08 -11.25
CA ILE A 644 -0.72 -20.98 -10.41
C ILE A 644 -1.05 -20.06 -9.27
N PHE A 645 -0.86 -20.53 -8.03
CA PHE A 645 -0.91 -19.66 -6.89
C PHE A 645 0.47 -19.09 -6.66
N LEU A 646 0.61 -17.78 -6.74
CA LEU A 646 1.90 -17.14 -6.50
C LEU A 646 2.12 -16.91 -5.00
N GLU A 647 3.10 -17.62 -4.46
CA GLU A 647 3.40 -17.67 -3.04
C GLU A 647 4.07 -16.37 -2.59
N ASN A 648 3.83 -15.96 -1.34
CA ASN A 648 4.48 -14.81 -0.70
C ASN A 648 4.45 -13.49 -1.52
N TYR A 649 3.28 -13.15 -2.05
CA TYR A 649 3.15 -11.91 -2.80
C TYR A 649 3.53 -10.73 -1.91
N ARG A 650 4.52 -9.98 -2.38
CA ARG A 650 5.11 -8.87 -1.67
C ARG A 650 5.58 -7.89 -2.72
N VAL A 651 6.16 -6.77 -2.29
CA VAL A 651 6.58 -5.71 -3.22
C VAL A 651 7.57 -6.22 -4.28
N SER A 652 8.58 -6.98 -3.87
CA SER A 652 9.60 -7.43 -4.82
C SER A 652 9.07 -8.48 -5.81
N LEU A 653 8.04 -9.25 -5.43
CA LEU A 653 7.37 -10.13 -6.39
C LEU A 653 6.46 -9.34 -7.34
N ALA A 654 5.79 -8.30 -6.84
CA ALA A 654 5.04 -7.39 -7.73
C ALA A 654 5.94 -6.79 -8.83
N GLU A 655 7.16 -6.42 -8.46
CA GLU A 655 8.10 -5.89 -9.44
C GLU A 655 8.44 -6.89 -10.53
N LYS A 656 8.38 -8.19 -10.25
CA LYS A 656 8.62 -9.24 -11.25
C LYS A 656 7.40 -9.62 -12.09
N VAL A 657 6.26 -9.81 -11.45
CA VAL A 657 5.09 -10.35 -12.13
C VAL A 657 4.29 -9.28 -12.90
N ILE A 658 4.27 -8.04 -12.42
CA ILE A 658 3.45 -7.00 -13.09
C ILE A 658 3.97 -6.67 -14.50
N PRO A 659 5.29 -6.51 -14.68
CA PRO A 659 5.83 -6.39 -16.06
C PRO A 659 5.54 -7.59 -16.97
N ALA A 660 5.40 -8.76 -16.37
CA ALA A 660 5.08 -9.97 -17.12
C ALA A 660 3.60 -10.13 -17.50
N ALA A 661 2.70 -9.31 -16.96
CA ALA A 661 1.25 -9.55 -17.11
C ALA A 661 0.67 -9.06 -18.44
N ASP A 662 -0.28 -9.82 -18.98
CA ASP A 662 -1.08 -9.36 -20.10
C ASP A 662 -2.44 -8.79 -19.66
N LEU A 663 -3.12 -9.52 -18.77
CA LEU A 663 -4.43 -9.15 -18.28
C LEU A 663 -4.37 -8.90 -16.77
N SER A 664 -4.84 -7.72 -16.35
CA SER A 664 -4.94 -7.32 -14.95
C SER A 664 -6.38 -7.50 -14.46
N GLU A 665 -6.53 -8.19 -13.34
CA GLU A 665 -7.84 -8.52 -12.80
C GLU A 665 -8.15 -7.58 -11.64
N GLN A 666 -9.12 -6.68 -11.87
CA GLN A 666 -9.52 -5.67 -10.89
C GLN A 666 -11.04 -5.77 -10.76
N ILE A 667 -11.47 -6.80 -10.05
CA ILE A 667 -12.84 -7.32 -10.17
C ILE A 667 -13.62 -7.24 -8.85
N SER A 668 -13.32 -6.21 -8.06
CA SER A 668 -14.05 -5.93 -6.84
C SER A 668 -15.50 -5.58 -7.14
N THR A 669 -16.40 -5.93 -6.24
CA THR A 669 -17.79 -5.48 -6.34
C THR A 669 -17.82 -3.97 -6.30
N ALA A 670 -18.61 -3.35 -7.16
CA ALA A 670 -18.62 -1.90 -7.30
C ALA A 670 -19.02 -1.26 -5.96
N GLY A 671 -18.25 -0.26 -5.58
CA GLY A 671 -18.41 0.44 -4.32
C GLY A 671 -17.53 -0.02 -3.15
N THR A 672 -16.74 -1.07 -3.33
CA THR A 672 -15.97 -1.66 -2.23
C THR A 672 -14.47 -1.35 -2.25
N GLU A 673 -13.84 -1.32 -3.43
CA GLU A 673 -12.42 -0.96 -3.52
C GLU A 673 -12.30 0.56 -3.59
N ALA A 674 -11.82 1.19 -2.51
CA ALA A 674 -11.73 2.65 -2.40
C ALA A 674 -11.08 3.28 -3.60
N SER A 675 -9.94 2.71 -3.99
CA SER A 675 -9.21 3.14 -5.18
C SER A 675 -8.60 1.95 -5.90
N GLY A 676 -7.75 1.22 -5.21
CA GLY A 676 -6.84 0.29 -5.83
C GLY A 676 -5.62 1.04 -6.34
N THR A 677 -4.47 0.36 -6.29
CA THR A 677 -3.25 0.87 -6.91
C THR A 677 -2.49 -0.15 -7.74
N GLY A 678 -2.71 -1.43 -7.47
CA GLY A 678 -2.26 -2.50 -8.37
C GLY A 678 -2.76 -2.23 -9.77
N ASN A 679 -4.05 -1.88 -9.88
CA ASN A 679 -4.64 -1.51 -11.18
C ASN A 679 -3.75 -0.56 -12.01
N MET A 680 -3.23 0.50 -11.34
CA MET A 680 -2.38 1.51 -11.99
C MET A 680 -1.03 0.94 -12.42
N LYS A 681 -0.48 0.04 -11.61
CA LYS A 681 0.82 -0.56 -11.91
C LYS A 681 0.77 -1.37 -13.17
N PHE A 682 -0.29 -2.15 -13.33
CA PHE A 682 -0.50 -2.97 -14.52
C PHE A 682 -0.72 -2.14 -15.78
N MET A 683 -1.48 -1.05 -15.66
CA MET A 683 -1.74 -0.14 -16.79
C MET A 683 -0.44 0.45 -17.34
N LEU A 684 0.45 0.79 -16.41
CA LEU A 684 1.73 1.41 -16.73
C LEU A 684 2.68 0.43 -17.46
N ASN A 685 2.53 -0.86 -17.17
CA ASN A 685 3.46 -1.89 -17.59
C ASN A 685 2.96 -2.79 -18.75
N GLY A 686 1.93 -2.34 -19.44
CA GLY A 686 1.53 -2.94 -20.70
C GLY A 686 0.58 -4.13 -20.58
N ALA A 687 -0.24 -4.10 -19.54
CA ALA A 687 -1.32 -5.09 -19.39
C ALA A 687 -2.65 -4.40 -19.65
N LEU A 688 -3.60 -5.15 -20.24
CA LEU A 688 -4.97 -4.66 -20.36
C LEU A 688 -5.72 -5.02 -19.11
N THR A 689 -6.76 -4.25 -18.80
CA THR A 689 -7.51 -4.40 -17.56
C THR A 689 -8.89 -4.97 -17.84
N ILE A 690 -9.23 -6.02 -17.10
CA ILE A 690 -10.60 -6.49 -16.99
C ILE A 690 -11.04 -6.13 -15.60
N GLY A 691 -12.09 -5.33 -15.51
CA GLY A 691 -12.55 -4.90 -14.21
C GLY A 691 -13.91 -4.22 -14.17
N THR A 692 -14.37 -4.04 -12.95
CA THR A 692 -15.61 -3.38 -12.65
C THR A 692 -15.41 -1.87 -12.56
N MET A 693 -16.50 -1.12 -12.66
CA MET A 693 -16.46 0.33 -12.45
C MET A 693 -16.38 0.64 -10.96
N ASP A 694 -15.20 0.40 -10.40
CA ASP A 694 -14.94 0.55 -9.00
C ASP A 694 -13.62 1.28 -8.80
N GLY A 695 -13.57 2.09 -7.75
CA GLY A 695 -12.32 2.76 -7.37
C GLY A 695 -11.75 3.57 -8.51
N ALA A 696 -10.44 3.53 -8.66
CA ALA A 696 -9.77 4.26 -9.71
C ALA A 696 -9.93 3.63 -11.11
N ASN A 697 -10.45 2.38 -11.20
CA ASN A 697 -10.76 1.79 -12.52
C ASN A 697 -11.63 2.75 -13.36
N VAL A 698 -12.55 3.44 -12.71
CA VAL A 698 -13.43 4.39 -13.38
C VAL A 698 -12.64 5.51 -14.06
N GLU A 699 -11.67 6.06 -13.35
CA GLU A 699 -10.82 7.10 -13.90
C GLU A 699 -9.83 6.56 -14.92
N MET A 700 -9.38 5.31 -14.74
CA MET A 700 -8.47 4.70 -15.71
C MET A 700 -9.13 4.50 -17.08
N ALA A 701 -10.32 3.91 -17.06
CA ALA A 701 -11.16 3.75 -18.26
C ALA A 701 -11.48 5.09 -18.92
N GLU A 702 -11.80 6.08 -18.09
CA GLU A 702 -12.06 7.41 -18.58
C GLU A 702 -10.83 8.01 -19.30
N GLU A 703 -9.63 7.79 -18.74
CA GLU A 703 -8.38 8.24 -19.39
C GLU A 703 -8.08 7.47 -20.67
N ALA A 704 -8.23 6.15 -20.65
CA ALA A 704 -7.88 5.37 -21.84
C ALA A 704 -8.98 5.33 -22.90
N GLY A 705 -10.22 5.62 -22.49
CA GLY A 705 -11.39 5.36 -23.32
C GLY A 705 -11.94 4.01 -22.95
N GLU A 706 -13.26 3.94 -22.78
CA GLU A 706 -13.93 2.70 -22.38
C GLU A 706 -13.75 1.56 -23.37
N GLU A 707 -13.63 1.89 -24.65
CA GLU A 707 -13.34 0.94 -25.71
C GLU A 707 -11.97 0.24 -25.58
N ASN A 708 -11.05 0.83 -24.80
CA ASN A 708 -9.73 0.26 -24.55
C ASN A 708 -9.61 -0.39 -23.18
N PHE A 709 -10.74 -0.82 -22.64
CA PHE A 709 -10.82 -1.34 -21.29
C PHE A 709 -11.88 -2.44 -21.28
N PHE A 710 -11.65 -3.51 -20.55
CA PHE A 710 -12.63 -4.59 -20.45
C PHE A 710 -13.49 -4.41 -19.21
N ILE A 711 -14.50 -3.54 -19.34
CA ILE A 711 -15.43 -3.20 -18.28
C ILE A 711 -16.61 -4.17 -18.26
N PHE A 712 -16.95 -4.66 -17.08
CA PHE A 712 -18.08 -5.53 -16.95
C PHE A 712 -18.76 -5.29 -15.60
N GLY A 713 -19.97 -5.81 -15.51
CA GLY A 713 -20.67 -5.95 -14.26
C GLY A 713 -21.50 -4.77 -13.81
N MET A 714 -22.05 -4.96 -12.62
CA MET A 714 -22.89 -3.98 -11.94
C MET A 714 -22.08 -2.73 -11.72
N ARG A 715 -22.71 -1.59 -11.97
CA ARG A 715 -22.28 -0.32 -11.42
C ARG A 715 -22.72 -0.22 -9.95
N VAL A 716 -22.23 0.80 -9.26
CA VAL A 716 -22.65 1.09 -7.88
C VAL A 716 -24.19 1.13 -7.78
N GLU A 717 -24.82 1.82 -8.74
CA GLU A 717 -26.28 2.00 -8.76
C GLU A 717 -27.05 0.67 -8.85
N ASP A 718 -26.48 -0.27 -9.62
CA ASP A 718 -27.07 -1.60 -9.78
C ASP A 718 -26.96 -2.41 -8.50
N VAL A 719 -25.85 -2.26 -7.78
CA VAL A 719 -25.67 -2.96 -6.51
C VAL A 719 -26.70 -2.49 -5.50
N ASP A 720 -26.86 -1.17 -5.38
CA ASP A 720 -27.94 -0.58 -4.56
C ASP A 720 -29.33 -1.12 -4.90
N ARG A 721 -29.68 -1.18 -6.19
CA ARG A 721 -31.00 -1.67 -6.61
C ARG A 721 -31.17 -3.11 -6.16
N LEU A 722 -30.13 -3.89 -6.33
CA LEU A 722 -30.17 -5.31 -5.96
C LEU A 722 -30.30 -5.48 -4.45
N ASP A 723 -29.66 -4.60 -3.67
CA ASP A 723 -29.84 -4.57 -2.22
C ASP A 723 -31.26 -4.20 -1.79
N GLN A 724 -31.86 -3.22 -2.47
CA GLN A 724 -33.21 -2.77 -2.15
C GLN A 724 -34.21 -3.90 -2.27
N ARG A 725 -34.15 -4.67 -3.34
CA ARG A 725 -35.08 -5.78 -3.49
C ARG A 725 -34.60 -7.07 -2.82
N GLY A 726 -33.30 -7.17 -2.55
CA GLY A 726 -32.71 -8.30 -1.82
C GLY A 726 -31.94 -9.23 -2.74
N TYR A 727 -30.67 -9.50 -2.41
CA TYR A 727 -29.84 -10.37 -3.24
C TYR A 727 -30.15 -11.84 -2.99
N ASN A 728 -30.73 -12.49 -3.99
CA ASN A 728 -31.04 -13.91 -3.96
C ASN A 728 -30.14 -14.67 -4.95
N ALA A 729 -29.09 -15.29 -4.40
CA ALA A 729 -28.12 -16.05 -5.17
C ALA A 729 -28.70 -17.29 -5.83
N GLN A 730 -29.71 -17.89 -5.21
CA GLN A 730 -30.41 -19.06 -5.77
C GLN A 730 -30.92 -18.79 -7.19
N GLU A 731 -31.45 -17.60 -7.40
CA GLU A 731 -31.93 -17.17 -8.73
C GLU A 731 -30.87 -17.37 -9.85
N TYR A 732 -29.61 -17.01 -9.56
CA TYR A 732 -28.51 -17.14 -10.52
C TYR A 732 -28.15 -18.61 -10.71
N TYR A 733 -28.08 -19.34 -9.60
CA TYR A 733 -27.85 -20.78 -9.61
C TYR A 733 -28.94 -21.52 -10.43
N ASP A 734 -30.20 -21.10 -10.27
CA ASP A 734 -31.31 -21.70 -11.03
C ASP A 734 -31.29 -21.40 -12.53
N ARG A 735 -30.79 -20.22 -12.92
CA ARG A 735 -30.87 -19.74 -14.31
C ARG A 735 -29.64 -19.98 -15.17
N ILE A 736 -28.51 -20.31 -14.56
CA ILE A 736 -27.24 -20.44 -15.30
C ILE A 736 -26.72 -21.86 -15.11
N PRO A 737 -26.91 -22.73 -16.12
CA PRO A 737 -26.46 -24.13 -16.00
C PRO A 737 -24.96 -24.24 -15.72
N GLU A 738 -24.16 -23.45 -16.44
CA GLU A 738 -22.70 -23.46 -16.23
C GLU A 738 -22.31 -23.14 -14.78
N LEU A 739 -23.02 -22.21 -14.16
CA LEU A 739 -22.79 -21.88 -12.74
C LEU A 739 -23.26 -22.98 -11.80
N ARG A 740 -24.39 -23.58 -12.12
CA ARG A 740 -24.91 -24.68 -11.31
C ARG A 740 -23.88 -25.81 -11.24
N GLN A 741 -23.40 -26.24 -12.40
CA GLN A 741 -22.36 -27.28 -12.49
C GLN A 741 -21.15 -27.01 -11.58
N ILE A 742 -20.69 -25.76 -11.54
CA ILE A 742 -19.52 -25.42 -10.70
C ILE A 742 -19.82 -25.60 -9.23
N ILE A 743 -20.98 -25.10 -8.80
CA ILE A 743 -21.39 -25.22 -7.40
C ILE A 743 -21.59 -26.69 -7.02
N GLU A 744 -22.09 -27.49 -7.96
CA GLU A 744 -22.22 -28.93 -7.73
C GLU A 744 -20.85 -29.62 -7.63
N GLN A 745 -19.89 -29.22 -8.46
CA GLN A 745 -18.53 -29.75 -8.40
C GLN A 745 -17.84 -29.43 -7.07
N LEU A 746 -17.97 -28.18 -6.62
CA LEU A 746 -17.46 -27.75 -5.32
C LEU A 746 -18.06 -28.53 -4.16
N SER A 747 -19.39 -28.64 -4.15
CA SER A 747 -20.14 -29.39 -3.12
C SER A 747 -19.81 -30.87 -3.09
N SER A 748 -19.75 -31.50 -4.25
CA SER A 748 -19.67 -32.96 -4.32
C SER A 748 -18.27 -33.52 -4.09
N GLY A 749 -17.23 -32.68 -4.04
CA GLY A 749 -15.87 -33.15 -3.82
C GLY A 749 -15.04 -33.35 -5.08
N PHE A 750 -15.48 -32.79 -6.21
CA PHE A 750 -14.71 -32.86 -7.44
C PHE A 750 -13.31 -32.26 -7.25
N PHE A 751 -13.21 -31.16 -6.53
CA PHE A 751 -11.93 -30.50 -6.25
C PHE A 751 -11.25 -30.88 -4.94
N SER A 752 -11.87 -31.74 -4.15
CA SER A 752 -11.28 -32.22 -2.89
C SER A 752 -11.73 -33.66 -2.64
N PRO A 753 -11.20 -34.63 -3.42
CA PRO A 753 -11.71 -36.00 -3.38
C PRO A 753 -11.56 -36.68 -2.02
N LYS A 754 -10.42 -36.45 -1.36
CA LYS A 754 -10.18 -37.04 -0.04
C LYS A 754 -11.00 -36.39 1.07
N GLN A 755 -11.32 -35.10 0.94
CA GLN A 755 -12.24 -34.40 1.86
C GLN A 755 -13.45 -33.88 1.09
N PRO A 756 -14.44 -34.75 0.79
CA PRO A 756 -15.57 -34.32 -0.05
C PRO A 756 -16.25 -33.00 0.35
N ASP A 757 -16.34 -32.70 1.64
CA ASP A 757 -17.05 -31.51 2.12
C ASP A 757 -16.13 -30.32 2.49
N LEU A 758 -14.88 -30.35 2.04
CA LEU A 758 -13.87 -29.36 2.42
C LEU A 758 -14.30 -27.91 2.20
N PHE A 759 -15.02 -27.68 1.10
CA PHE A 759 -15.43 -26.34 0.67
C PHE A 759 -16.91 -26.05 0.94
N LYS A 760 -17.51 -26.72 1.92
CA LYS A 760 -18.94 -26.47 2.22
C LYS A 760 -19.16 -25.04 2.69
N ASP A 761 -18.19 -24.46 3.39
CA ASP A 761 -18.32 -23.08 3.89
C ASP A 761 -18.35 -22.06 2.76
N ILE A 762 -17.61 -22.35 1.70
CA ILE A 762 -17.52 -21.46 0.53
C ILE A 762 -18.84 -21.50 -0.22
N VAL A 763 -19.34 -22.72 -0.48
CA VAL A 763 -20.61 -22.89 -1.15
C VAL A 763 -21.71 -22.19 -0.34
N ASN A 764 -21.77 -22.50 0.95
CA ASN A 764 -22.83 -21.94 1.79
CA ASN A 764 -22.80 -21.95 1.83
C ASN A 764 -22.78 -20.42 1.81
N MET A 765 -21.59 -19.85 1.82
CA MET A 765 -21.45 -18.42 1.77
C MET A 765 -21.98 -17.86 0.45
N LEU A 766 -21.58 -18.50 -0.65
CA LEU A 766 -21.98 -18.06 -1.99
C LEU A 766 -23.49 -18.14 -2.24
N MET A 767 -24.13 -19.17 -1.69
CA MET A 767 -25.57 -19.38 -1.83
C MET A 767 -26.41 -18.53 -0.88
N HIS A 768 -25.95 -18.33 0.36
CA HIS A 768 -26.78 -17.75 1.42
C HIS A 768 -26.33 -16.45 2.10
N HIS A 769 -25.02 -16.14 2.10
CA HIS A 769 -24.48 -15.01 2.87
CA HIS A 769 -24.54 -14.93 2.81
C HIS A 769 -23.37 -14.25 2.11
N ASP A 770 -23.51 -14.08 0.79
CA ASP A 770 -22.51 -13.41 -0.02
C ASP A 770 -22.79 -11.91 -0.02
N ARG A 771 -22.02 -11.17 0.78
CA ARG A 771 -22.13 -9.71 0.81
C ARG A 771 -21.67 -9.06 -0.48
N PHE A 772 -20.90 -9.78 -1.30
CA PHE A 772 -20.25 -9.17 -2.47
C PHE A 772 -20.73 -9.67 -3.85
N LYS A 773 -21.85 -10.43 -3.85
CA LYS A 773 -22.67 -10.62 -5.04
C LYS A 773 -21.89 -11.21 -6.23
N VAL A 774 -21.10 -12.23 -5.93
CA VAL A 774 -20.24 -12.93 -6.88
C VAL A 774 -21.06 -13.43 -8.08
N PHE A 775 -22.17 -14.10 -7.82
CA PHE A 775 -23.00 -14.65 -8.89
C PHE A 775 -23.63 -13.55 -9.74
N ALA A 776 -23.96 -12.41 -9.15
CA ALA A 776 -24.60 -11.32 -9.91
C ALA A 776 -23.73 -10.83 -11.06
N ASP A 777 -22.41 -10.92 -10.91
CA ASP A 777 -21.47 -10.52 -11.95
C ASP A 777 -20.90 -11.68 -12.78
N TYR A 778 -21.35 -12.91 -12.55
CA TYR A 778 -20.68 -14.07 -13.16
C TYR A 778 -20.87 -14.07 -14.67
N GLU A 779 -22.11 -13.97 -15.11
CA GLU A 779 -22.44 -14.07 -16.52
C GLU A 779 -21.71 -13.01 -17.36
N GLU A 780 -21.78 -11.75 -16.92
CA GLU A 780 -21.11 -10.64 -17.62
C GLU A 780 -19.58 -10.73 -17.62
N TYR A 781 -19.03 -11.27 -16.53
CA TYR A 781 -17.59 -11.50 -16.40
C TYR A 781 -17.08 -12.54 -17.42
N VAL A 782 -17.79 -13.66 -17.54
CA VAL A 782 -17.38 -14.73 -18.47
C VAL A 782 -17.49 -14.27 -19.92
N LYS A 783 -18.57 -13.56 -20.27
CA LYS A 783 -18.71 -12.95 -21.59
C LYS A 783 -17.60 -11.95 -21.89
N CYS A 784 -17.28 -11.10 -20.90
CA CYS A 784 -16.21 -10.14 -21.07
C CYS A 784 -14.82 -10.82 -21.22
N GLN A 785 -14.58 -11.87 -20.43
CA GLN A 785 -13.40 -12.73 -20.59
C GLN A 785 -13.29 -13.38 -21.99
N GLU A 786 -14.43 -13.67 -22.63
CA GLU A 786 -14.44 -14.14 -24.02
C GLU A 786 -13.92 -13.06 -24.98
N ARG A 787 -14.28 -11.80 -24.74
CA ARG A 787 -13.82 -10.69 -25.60
C ARG A 787 -12.30 -10.46 -25.46
N VAL A 788 -11.78 -10.69 -24.26
CA VAL A 788 -10.36 -10.59 -23.99
C VAL A 788 -9.61 -11.61 -24.83
N SER A 789 -10.08 -12.86 -24.77
CA SER A 789 -9.49 -13.95 -25.54
C SER A 789 -9.52 -13.70 -27.03
N ALA A 790 -10.63 -13.14 -27.52
CA ALA A 790 -10.79 -12.81 -28.94
C ALA A 790 -9.76 -11.79 -29.36
N LEU A 791 -9.56 -10.77 -28.54
CA LEU A 791 -8.58 -9.74 -28.87
C LEU A 791 -7.14 -10.25 -28.82
N TYR A 792 -6.85 -11.17 -27.89
CA TYR A 792 -5.52 -11.76 -27.78
C TYR A 792 -5.13 -12.58 -29.03
N LYS A 793 -6.11 -13.16 -29.72
CA LYS A 793 -5.88 -13.80 -31.02
C LYS A 793 -5.33 -12.85 -32.10
N ASN A 794 -5.56 -11.55 -31.97
CA ASN A 794 -5.03 -10.53 -32.87
C ASN A 794 -3.97 -9.66 -32.15
N PRO A 795 -2.71 -10.17 -32.07
CA PRO A 795 -1.59 -9.48 -31.38
C PRO A 795 -1.34 -8.01 -31.70
N ARG A 796 -1.50 -7.63 -32.97
CA ARG A 796 -1.30 -6.25 -33.39
C ARG A 796 -2.32 -5.34 -32.72
N GLU A 797 -3.59 -5.75 -32.72
CA GLU A 797 -4.64 -4.95 -32.11
C GLU A 797 -4.60 -5.01 -30.56
N TRP A 798 -4.16 -6.14 -30.01
CA TRP A 798 -3.92 -6.22 -28.58
C TRP A 798 -2.88 -5.17 -28.20
N THR A 799 -1.77 -5.17 -28.90
CA THR A 799 -0.65 -4.29 -28.60
C THR A 799 -0.98 -2.81 -28.85
N ARG A 800 -1.81 -2.53 -29.86
CA ARG A 800 -2.29 -1.16 -30.10
C ARG A 800 -3.17 -0.67 -28.95
N MET A 801 -4.03 -1.54 -28.43
CA MET A 801 -4.83 -1.22 -27.25
C MET A 801 -3.93 -1.00 -26.02
N VAL A 802 -2.90 -1.84 -25.86
CA VAL A 802 -1.90 -1.66 -24.80
C VAL A 802 -1.24 -0.29 -24.88
N ILE A 803 -0.82 0.12 -26.07
CA ILE A 803 -0.20 1.42 -26.25
C ILE A 803 -1.14 2.54 -25.81
N ARG A 804 -2.42 2.44 -26.19
CA ARG A 804 -3.42 3.41 -25.77
C ARG A 804 -3.59 3.47 -24.24
N ASN A 805 -3.37 2.34 -23.55
CA ASN A 805 -3.40 2.30 -22.08
C ASN A 805 -2.17 2.98 -21.49
N ILE A 806 -0.99 2.49 -21.87
CA ILE A 806 0.28 3.06 -21.40
C ILE A 806 0.35 4.56 -21.61
N ALA A 807 -0.11 5.00 -22.78
CA ALA A 807 -0.04 6.40 -23.17
C ALA A 807 -0.94 7.32 -22.38
N THR A 808 -1.99 6.79 -21.78
CA THR A 808 -2.92 7.58 -20.96
C THR A 808 -2.82 7.24 -19.47
N SER A 809 -1.75 6.60 -19.03
CA SER A 809 -1.58 6.25 -17.61
C SER A 809 -0.93 7.39 -16.79
N GLY A 810 -0.61 8.51 -17.45
CA GLY A 810 0.06 9.64 -16.80
C GLY A 810 -0.62 10.20 -15.56
N LYS A 811 -1.95 10.26 -15.57
CA LYS A 811 -2.71 10.78 -14.42
C LYS A 811 -2.43 10.03 -13.11
N PHE A 812 -2.01 8.77 -13.22
CA PHE A 812 -1.87 7.90 -12.07
C PHE A 812 -0.46 7.85 -11.50
N SER A 813 0.34 8.84 -11.88
CA SER A 813 1.58 9.11 -11.17
C SER A 813 1.24 9.75 -9.82
N SER A 814 1.86 9.21 -8.77
CA SER A 814 1.79 9.83 -7.44
C SER A 814 2.40 11.25 -7.38
N ASP A 815 3.14 11.68 -8.40
CA ASP A 815 3.61 13.06 -8.48
C ASP A 815 2.43 14.01 -8.69
N ARG A 816 1.51 13.61 -9.56
CA ARG A 816 0.24 14.33 -9.72
C ARG A 816 -0.54 14.34 -8.41
N THR A 817 -0.64 13.18 -7.76
CA THR A 817 -1.37 13.09 -6.50
C THR A 817 -0.81 14.01 -5.42
N ILE A 818 0.51 13.98 -5.25
CA ILE A 818 1.19 14.78 -4.22
C ILE A 818 1.14 16.28 -4.54
N ALA A 819 1.31 16.65 -5.80
CA ALA A 819 1.15 18.05 -6.20
C ALA A 819 -0.24 18.57 -5.82
N GLN A 820 -1.28 17.73 -5.98
CA GLN A 820 -2.65 18.10 -5.58
C GLN A 820 -2.78 18.23 -4.06
N TYR A 821 -2.23 17.27 -3.29
CA TYR A 821 -2.18 17.41 -1.81
C TYR A 821 -1.50 18.74 -1.41
N ALA A 822 -0.34 18.98 -2.00
CA ALA A 822 0.47 20.16 -1.71
C ALA A 822 -0.27 21.48 -1.96
N ARG A 823 -0.91 21.60 -3.11
CA ARG A 823 -1.61 22.84 -3.46
C ARG A 823 -2.96 23.00 -2.77
N GLU A 824 -3.73 21.92 -2.68
CA GLU A 824 -5.12 21.98 -2.20
C GLU A 824 -5.33 21.66 -0.73
N ILE A 825 -4.32 21.09 -0.06
CA ILE A 825 -4.43 20.76 1.36
C ILE A 825 -3.31 21.36 2.22
N TRP A 826 -2.06 21.19 1.82
CA TRP A 826 -0.92 21.57 2.65
C TRP A 826 -0.53 23.03 2.47
N GLY A 827 -0.78 23.57 1.27
CA GLY A 827 -0.49 24.97 0.99
C GLY A 827 0.98 25.25 0.76
N VAL A 828 1.64 24.36 0.03
CA VAL A 828 3.05 24.48 -0.35
C VAL A 828 3.14 24.26 -1.85
N GLU A 829 4.09 24.94 -2.49
CA GLU A 829 4.26 24.81 -3.93
C GLU A 829 5.32 23.72 -4.17
N PRO A 830 5.00 22.72 -5.01
CA PRO A 830 6.05 21.77 -5.37
C PRO A 830 7.12 22.37 -6.27
N SER A 831 8.23 21.66 -6.42
CA SER A 831 9.36 22.14 -7.20
C SER A 831 10.09 20.95 -7.85
N ARG A 832 10.51 21.11 -9.11
CA ARG A 832 11.31 20.09 -9.79
C ARG A 832 12.81 20.44 -9.79
N GLN A 833 13.18 21.56 -9.18
CA GLN A 833 14.54 22.08 -9.24
C GLN A 833 15.54 21.35 -8.30
N ARG A 834 16.77 21.21 -8.78
CA ARG A 834 17.80 20.43 -8.11
C ARG A 834 18.40 21.22 -6.97
N LEU A 835 18.65 20.57 -5.84
CA LEU A 835 19.62 21.08 -4.86
C LEU A 835 21.01 20.88 -5.46
N PRO A 836 22.00 21.68 -5.01
CA PRO A 836 23.41 21.44 -5.45
C PRO A 836 23.95 20.08 -4.98
N ALA A 837 24.82 19.47 -5.78
CA ALA A 837 25.27 18.08 -5.56
C ALA A 837 26.39 17.94 -4.52
N1 PLP B . 0.39 -5.41 -2.31
C2 PLP B . 1.55 -5.10 -2.90
C2A PLP B . 2.79 -5.89 -2.58
C3 PLP B . 1.64 -4.00 -3.88
O3 PLP B . 2.81 -3.69 -4.48
C4 PLP B . 0.40 -3.26 -4.16
C4A PLP B . 0.33 -2.10 -5.14
C5 PLP B . -0.82 -3.68 -3.44
C6 PLP B . -0.76 -4.76 -2.54
C5A PLP B . -2.16 -3.01 -3.67
O4P PLP B . -2.78 -3.69 -4.75
P PLP B . -4.38 -3.61 -4.96
O1P PLP B . -4.56 -4.40 -6.24
O2P PLP B . -4.96 -4.27 -3.74
O3P PLP B . -4.64 -2.12 -5.13
O6' 9LB C . -5.65 4.31 -0.65
C6' 9LB C . -4.73 3.22 -0.68
C5' 9LB C . -5.45 1.87 -0.58
C4' 9LB C . -6.59 1.73 -1.61
O4' 9LB C . -6.05 1.71 -2.95
C3' 9LB C . -7.40 0.47 -1.41
O3' 9LB C . -8.54 0.56 -2.27
O5' 9LB C . -5.95 1.71 0.74
C1' 9LB C . -6.54 0.43 0.96
C2' 9LB C . -7.78 0.29 0.06
N2' 9LB C . -8.43 -1.02 0.32
C1 9LB C . -6.89 0.30 2.39
N2 9LB C . -7.98 0.76 2.98
N3 9LB C . -7.99 0.46 4.33
C4 9LB C . -6.84 -0.21 4.54
N5 9LB C . -6.17 -0.30 3.36
C6 9LB C . -6.39 -0.74 5.86
C7 9LB C . -7.23 -0.65 6.97
C8 9LB C . -6.82 -1.15 8.20
C9 9LB C . -5.56 -1.73 8.34
C10 9LB C . -4.71 -1.82 7.24
C11 9LB C . -5.13 -1.32 6.00
P IMP D . 16.23 17.94 12.91
O1P IMP D . 15.41 18.94 12.14
O2P IMP D . 15.58 16.60 13.15
O3P IMP D . 16.82 18.54 14.17
O5' IMP D . 17.49 17.53 11.98
C5' IMP D . 18.10 18.38 11.01
C4' IMP D . 19.08 19.32 11.72
O4' IMP D . 18.99 20.64 11.16
C3' IMP D . 20.57 18.94 11.72
O3' IMP D . 20.88 17.74 11.01
C2' IMP D . 21.27 20.17 11.15
O2' IMP D . 21.63 20.01 9.78
C1' IMP D . 20.25 21.30 11.27
N9 IMP D . 20.38 22.03 12.57
C8 IMP D . 19.60 21.91 13.67
N7 IMP D . 20.02 22.73 14.67
C5 IMP D . 21.09 23.39 14.22
C6 IMP D . 22.03 24.42 14.76
O6 IMP D . 21.91 24.87 15.92
N1 IMP D . 23.02 24.86 13.96
C2 IMP D . 23.19 24.40 12.70
N3 IMP D . 22.37 23.46 12.15
C4 IMP D . 21.33 22.94 12.85
#